data_6DCX
#
_entry.id   6DCX
#
_cell.length_a   135.462
_cell.length_b   135.462
_cell.length_c   165.390
_cell.angle_alpha   90.000
_cell.angle_beta   90.000
_cell.angle_gamma   90.000
#
_symmetry.space_group_name_H-M   'P 41 21 2'
#
loop_
_entity.id
_entity.type
_entity.pdbx_description
1 polymer 'Serine/threonine-protein phosphatase PP1-alpha catalytic subunit'
2 polymer 'RelA-associated inhibitor'
#
loop_
_entity_poly.entity_id
_entity_poly.type
_entity_poly.pdbx_seq_one_letter_code
_entity_poly.pdbx_strand_id
1 'polypeptide(L)'
;GPGYQDPNSMSDSEKLNLDSIIGRLLEVQGSRPGKNVQLTENEIRGLCLKSREIFLSQPILLELEAPLKICGDIHGQYYD
LLRLFEYGGFPPESNYLFLGDYVDRGKQSLETICLLLAYKIKYPENFFLLRGNHECASINRIYGFYDECKRRYNIKLWKT
FTDCFNCLPIAAIVDEKIFCCHGGLSPDLQSMEQIRRIMRPTDVPDQGLLCDLLWSDPDKDVQGWGENDRGVSFTFGAEV
VAKFLHKHDLDLICRAHQVVEDGYEFFAKRQLVTLFSAPNYCGEFDNAGAMMSVDETLMCSFQILKPADKNKGKYGQFSG
LNPGGRPITPPRNSAKAKK
;
A,B
2 'polypeptide(L)'
;GPGYQDPRSVLRKAGSPRKARRARLNPLVLLLDAALTGELEVVQQAVKEMNDPSQPNEEGITALHNAICGANYSIVDFLI
TAGANVNSPDSHGWTPLHCAASCNDTVICMALVQHGAAIFATTLSDGATAFEKCDPYREGYADCATYLADVEQSMGLMNS
GAVYALWDYSAEFGDELSFREGESVTVLRRDGPEETDWWWAALHGQEGYVPRNYFGLFPRVKPQRSKV
;
C,D
#
# COMPACT_ATOMS: atom_id res chain seq x y z
N ASN A 17 -3.28 38.50 -11.39
CA ASN A 17 -4.18 39.04 -10.37
C ASN A 17 -4.35 38.06 -9.22
N LEU A 18 -4.35 36.77 -9.56
CA LEU A 18 -4.54 35.71 -8.56
C LEU A 18 -3.47 35.78 -7.47
N ASP A 19 -2.21 35.89 -7.87
CA ASP A 19 -1.12 35.94 -6.89
C ASP A 19 -1.26 37.12 -5.95
N SER A 20 -1.68 38.28 -6.47
CA SER A 20 -1.93 39.44 -5.61
C SER A 20 -3.05 39.15 -4.61
N ILE A 21 -4.12 38.48 -5.07
CA ILE A 21 -5.25 38.17 -4.19
C ILE A 21 -4.82 37.22 -3.08
N ILE A 22 -4.15 36.11 -3.44
CA ILE A 22 -3.68 35.17 -2.44
C ILE A 22 -2.73 35.85 -1.46
N GLY A 23 -1.81 36.67 -1.98
CA GLY A 23 -0.86 37.37 -1.12
C GLY A 23 -1.54 38.26 -0.10
N ARG A 24 -2.56 39.00 -0.52
CA ARG A 24 -3.27 39.88 0.41
C ARG A 24 -4.07 39.08 1.43
N LEU A 25 -4.66 37.96 1.02
CA LEU A 25 -5.38 37.12 1.97
C LEU A 25 -4.45 36.55 3.04
N LEU A 26 -3.23 36.19 2.65
CA LEU A 26 -2.26 35.60 3.57
C LEU A 26 -1.50 36.63 4.39
N GLU A 27 -1.72 37.93 4.12
CA GLU A 27 -0.96 38.98 4.81
C GLU A 27 -1.25 39.02 6.30
N VAL A 28 -2.43 38.58 6.72
CA VAL A 28 -2.86 38.68 8.11
C VAL A 28 -2.43 37.47 8.93
N GLN A 29 -1.58 36.61 8.36
CA GLN A 29 -1.11 35.43 9.07
C GLN A 29 -0.54 35.77 10.45
N GLY A 30 0.19 36.87 10.54
CA GLY A 30 0.78 37.30 11.78
C GLY A 30 -0.05 38.29 12.55
N SER A 31 -1.28 38.57 12.12
CA SER A 31 -2.10 39.59 12.73
C SER A 31 -2.96 39.00 13.85
N ARG A 32 -3.45 39.88 14.71
CA ARG A 32 -4.38 39.47 15.75
C ARG A 32 -5.68 38.98 15.11
N PRO A 33 -6.17 37.80 15.46
CA PRO A 33 -7.36 37.24 14.79
C PRO A 33 -8.54 38.22 14.78
N GLY A 34 -9.19 38.32 13.63
CA GLY A 34 -10.30 39.22 13.41
C GLY A 34 -10.06 40.28 12.35
N LYS A 35 -8.80 40.60 12.05
CA LYS A 35 -8.48 41.62 11.06
C LYS A 35 -8.93 41.20 9.66
N ASN A 36 -9.74 42.07 9.04
CA ASN A 36 -10.34 41.79 7.74
C ASN A 36 -9.36 42.00 6.59
N VAL A 37 -9.61 41.30 5.49
CA VAL A 37 -9.00 41.59 4.19
C VAL A 37 -10.13 42.01 3.24
N GLN A 38 -10.10 43.26 2.79
CA GLN A 38 -11.18 43.84 1.99
C GLN A 38 -10.73 43.87 0.54
N LEU A 39 -11.05 42.81 -0.19
CA LEU A 39 -10.82 42.77 -1.62
C LEU A 39 -11.80 43.71 -2.33
N THR A 40 -11.54 43.98 -3.61
CA THR A 40 -12.48 44.74 -4.39
C THR A 40 -13.64 43.86 -4.83
N GLU A 41 -14.79 44.49 -5.08
CA GLU A 41 -15.94 43.76 -5.59
C GLU A 41 -15.59 43.02 -6.88
N ASN A 42 -14.85 43.66 -7.78
CA ASN A 42 -14.49 43.02 -9.04
C ASN A 42 -13.58 41.83 -8.82
N GLU A 43 -12.65 41.92 -7.86
CA GLU A 43 -11.77 40.79 -7.56
C GLU A 43 -12.58 39.58 -7.11
N ILE A 44 -13.50 39.78 -6.17
CA ILE A 44 -14.27 38.64 -5.65
C ILE A 44 -15.14 38.03 -6.73
N ARG A 45 -15.79 38.87 -7.54
CA ARG A 45 -16.58 38.37 -8.67
C ARG A 45 -15.72 37.55 -9.62
N GLY A 46 -14.47 37.96 -9.82
CA GLY A 46 -13.57 37.20 -10.66
C GLY A 46 -13.32 35.80 -10.12
N LEU A 47 -13.05 35.70 -8.82
CA LEU A 47 -12.86 34.40 -8.19
C LEU A 47 -14.06 33.49 -8.43
N CYS A 48 -15.27 34.03 -8.26
CA CYS A 48 -16.47 33.22 -8.44
C CYS A 48 -16.62 32.74 -9.88
N LEU A 49 -16.44 33.65 -10.84
CA LEU A 49 -16.67 33.31 -12.24
C LEU A 49 -15.64 32.31 -12.74
N LYS A 50 -14.36 32.53 -12.45
CA LYS A 50 -13.33 31.62 -12.96
C LYS A 50 -13.42 30.25 -12.29
N SER A 51 -13.61 30.20 -10.98
CA SER A 51 -13.70 28.89 -10.31
C SER A 51 -14.94 28.13 -10.74
N ARG A 52 -16.04 28.85 -10.97
CA ARG A 52 -17.27 28.22 -11.45
C ARG A 52 -17.02 27.47 -12.75
N GLU A 53 -16.23 28.06 -13.66
CA GLU A 53 -15.84 27.35 -14.89
C GLU A 53 -15.19 26.02 -14.56
N ILE A 54 -14.27 26.02 -13.59
CA ILE A 54 -13.53 24.81 -13.26
C ILE A 54 -14.46 23.76 -12.68
N PHE A 55 -15.32 24.14 -11.73
CA PHE A 55 -16.25 23.20 -11.12
C PHE A 55 -17.08 22.46 -12.16
N LEU A 56 -17.58 23.20 -13.15
CA LEU A 56 -18.38 22.58 -14.20
C LEU A 56 -17.52 21.73 -15.14
N SER A 57 -16.23 22.07 -15.28
CA SER A 57 -15.35 21.29 -16.15
C SER A 57 -14.93 19.97 -15.54
N GLN A 58 -15.02 19.84 -14.22
CA GLN A 58 -14.68 18.65 -13.48
C GLN A 58 -15.92 17.86 -13.12
N PRO A 59 -15.78 16.56 -12.81
CA PRO A 59 -16.96 15.73 -12.55
C PRO A 59 -17.71 16.19 -11.30
N ILE A 60 -19.02 15.95 -11.30
CA ILE A 60 -19.81 16.24 -10.11
C ILE A 60 -19.53 15.24 -9.01
N LEU A 61 -19.12 14.02 -9.39
CA LEU A 61 -18.67 13.00 -8.44
C LEU A 61 -17.17 12.81 -8.69
N LEU A 62 -16.36 13.50 -7.89
CA LEU A 62 -14.92 13.53 -8.09
C LEU A 62 -14.28 12.17 -7.79
N GLU A 63 -13.26 11.83 -8.57
CA GLU A 63 -12.46 10.63 -8.37
C GLU A 63 -11.04 11.06 -8.11
N LEU A 64 -10.58 10.94 -6.87
CA LEU A 64 -9.32 11.50 -6.42
C LEU A 64 -8.34 10.40 -6.04
N GLU A 65 -7.06 10.77 -5.97
CA GLU A 65 -6.00 9.83 -5.58
C GLU A 65 -5.21 10.41 -4.42
N ALA A 66 -4.81 9.53 -3.50
CA ALA A 66 -3.92 9.91 -2.43
C ALA A 66 -2.54 10.26 -2.99
N PRO A 67 -1.74 11.07 -2.27
CA PRO A 67 -1.99 11.66 -0.95
C PRO A 67 -2.94 12.85 -0.98
N LEU A 68 -3.69 13.02 0.12
CA LEU A 68 -4.77 13.99 0.20
C LEU A 68 -5.04 14.30 1.67
N LYS A 69 -5.41 15.55 1.94
CA LYS A 69 -5.82 15.96 3.28
C LYS A 69 -7.26 16.43 3.21
N ILE A 70 -8.12 15.81 4.01
CA ILE A 70 -9.58 16.02 3.94
C ILE A 70 -10.01 16.79 5.18
N CYS A 71 -10.72 17.89 4.96
CA CYS A 71 -11.12 18.79 6.04
C CYS A 71 -12.63 18.96 6.05
N GLY A 72 -13.16 19.19 7.23
CA GLY A 72 -14.58 19.35 7.42
C GLY A 72 -15.02 20.80 7.38
N ASP A 73 -16.04 21.11 8.18
CA ASP A 73 -16.61 22.44 8.18
C ASP A 73 -15.58 23.47 8.63
N ILE A 74 -15.65 24.66 8.02
CA ILE A 74 -14.84 25.80 8.41
C ILE A 74 -15.71 26.91 8.97
N HIS A 75 -16.85 27.17 8.35
CA HIS A 75 -17.84 28.13 8.82
C HIS A 75 -17.22 29.51 9.05
N GLY A 76 -16.52 30.00 8.04
CA GLY A 76 -16.05 31.37 8.02
C GLY A 76 -15.04 31.72 9.10
N GLN A 77 -14.50 30.71 9.78
CA GLN A 77 -13.49 30.93 10.81
C GLN A 77 -12.12 30.98 10.13
N TYR A 78 -11.88 32.12 9.48
CA TYR A 78 -10.74 32.25 8.57
C TYR A 78 -9.41 31.99 9.28
N TYR A 79 -9.24 32.51 10.51
CA TYR A 79 -7.95 32.35 11.17
C TYR A 79 -7.71 30.90 11.58
N ASP A 80 -8.78 30.12 11.79
CA ASP A 80 -8.59 28.68 11.99
C ASP A 80 -8.23 27.98 10.68
N LEU A 81 -8.78 28.45 9.56
CA LEU A 81 -8.37 27.93 8.26
C LEU A 81 -6.90 28.17 8.00
N LEU A 82 -6.42 29.37 8.31
CA LEU A 82 -4.99 29.66 8.18
C LEU A 82 -4.14 28.74 9.04
N ARG A 83 -4.57 28.48 10.28
CA ARG A 83 -3.84 27.52 11.12
C ARG A 83 -3.90 26.12 10.53
N LEU A 84 -5.04 25.77 9.94
CA LEU A 84 -5.19 24.47 9.28
C LEU A 84 -4.14 24.27 8.19
N PHE A 85 -3.96 25.29 7.33
CA PHE A 85 -2.93 25.21 6.30
C PHE A 85 -1.54 25.26 6.92
N GLU A 86 -1.35 26.11 7.93
CA GLU A 86 -0.06 26.20 8.61
C GLU A 86 0.40 24.84 9.12
N TYR A 87 -0.51 24.10 9.76
CA TYR A 87 -0.13 22.81 10.34
C TYR A 87 -0.18 21.69 9.30
N GLY A 88 -1.12 21.75 8.36
CA GLY A 88 -1.21 20.73 7.33
C GLY A 88 -0.29 20.93 6.14
N GLY A 89 0.12 22.17 5.89
CA GLY A 89 0.93 22.50 4.73
C GLY A 89 0.15 23.30 3.71
N PHE A 90 0.60 24.52 3.42
CA PHE A 90 -0.09 25.36 2.46
C PHE A 90 0.02 24.75 1.06
N PRO A 91 -1.05 24.83 0.27
CA PRO A 91 -0.97 24.38 -1.13
C PRO A 91 0.19 25.03 -1.84
N PRO A 92 0.87 24.30 -2.73
CA PRO A 92 0.56 22.91 -3.06
C PRO A 92 1.39 21.85 -2.32
N GLU A 93 1.98 22.18 -1.17
CA GLU A 93 2.75 21.17 -0.45
C GLU A 93 1.88 19.98 -0.09
N SER A 94 0.60 20.22 0.18
CA SER A 94 -0.36 19.17 0.44
C SER A 94 -1.56 19.34 -0.48
N ASN A 95 -2.21 18.22 -0.80
CA ASN A 95 -3.45 18.23 -1.55
C ASN A 95 -4.62 18.25 -0.58
N TYR A 96 -5.67 18.99 -0.94
CA TYR A 96 -6.79 19.22 -0.04
C TYR A 96 -8.11 18.90 -0.71
N LEU A 97 -8.99 18.25 0.06
CA LEU A 97 -10.40 18.12 -0.26
C LEU A 97 -11.18 18.64 0.94
N PHE A 98 -12.04 19.62 0.71
CA PHE A 98 -12.93 20.13 1.75
C PHE A 98 -14.33 19.57 1.56
N LEU A 99 -15.02 19.32 2.67
CA LEU A 99 -16.32 18.67 2.64
C LEU A 99 -17.49 19.64 2.76
N GLY A 100 -17.26 20.93 2.59
CA GLY A 100 -18.33 21.90 2.53
C GLY A 100 -18.44 22.73 3.79
N ASP A 101 -19.47 23.59 3.79
CA ASP A 101 -19.77 24.52 4.88
C ASP A 101 -18.61 25.49 5.12
N TYR A 102 -18.32 26.29 4.08
CA TYR A 102 -17.25 27.29 4.13
C TYR A 102 -17.69 28.63 4.71
N VAL A 103 -18.98 28.96 4.62
CA VAL A 103 -19.50 30.25 5.08
C VAL A 103 -20.48 30.06 6.23
N ASP A 104 -21.01 31.17 6.77
CA ASP A 104 -22.00 31.23 7.84
C ASP A 104 -21.40 31.02 9.23
N ARG A 105 -22.08 31.58 10.24
CA ARG A 105 -21.75 31.39 11.66
C ARG A 105 -20.47 32.09 12.07
N GLY A 106 -19.38 31.89 11.31
CA GLY A 106 -18.17 32.63 11.58
C GLY A 106 -18.27 34.07 11.13
N LYS A 107 -17.29 34.87 11.57
CA LYS A 107 -17.28 36.31 11.28
C LYS A 107 -16.57 36.66 9.99
N GLN A 108 -15.83 35.74 9.38
CA GLN A 108 -15.04 36.02 8.19
C GLN A 108 -15.31 34.96 7.10
N SER A 109 -16.58 34.84 6.72
CA SER A 109 -16.94 33.93 5.63
C SER A 109 -16.30 34.35 4.32
N LEU A 110 -16.26 35.65 4.04
CA LEU A 110 -15.76 36.13 2.75
C LEU A 110 -14.29 35.76 2.54
N GLU A 111 -13.44 36.11 3.51
CA GLU A 111 -12.02 35.76 3.39
C GLU A 111 -11.83 34.26 3.27
N THR A 112 -12.63 33.48 4.00
CA THR A 112 -12.52 32.02 3.92
C THR A 112 -12.78 31.52 2.51
N ILE A 113 -13.96 31.84 1.97
CA ILE A 113 -14.34 31.32 0.66
C ILE A 113 -13.42 31.84 -0.43
N CYS A 114 -12.95 33.09 -0.30
CA CYS A 114 -12.08 33.65 -1.34
C CYS A 114 -10.73 32.94 -1.38
N LEU A 115 -10.11 32.72 -0.23
CA LEU A 115 -8.86 31.97 -0.21
C LEU A 115 -9.05 30.57 -0.79
N LEU A 116 -10.15 29.90 -0.43
CA LEU A 116 -10.41 28.56 -0.94
C LEU A 116 -10.68 28.59 -2.45
N LEU A 117 -11.46 29.57 -2.92
CA LEU A 117 -11.66 29.71 -4.36
C LEU A 117 -10.36 30.07 -5.08
N ALA A 118 -9.55 30.93 -4.47
CA ALA A 118 -8.28 31.32 -5.08
C ALA A 118 -7.37 30.12 -5.26
N TYR A 119 -7.22 29.30 -4.22
CA TYR A 119 -6.38 28.12 -4.34
C TYR A 119 -6.97 27.13 -5.34
N LYS A 120 -8.30 27.05 -5.38
CA LYS A 120 -8.96 26.22 -6.37
C LYS A 120 -8.61 26.64 -7.80
N ILE A 121 -8.51 27.94 -8.04
CA ILE A 121 -8.14 28.39 -9.38
C ILE A 121 -6.64 28.17 -9.62
N LYS A 122 -5.81 28.42 -8.61
CA LYS A 122 -4.37 28.30 -8.80
C LYS A 122 -3.93 26.84 -8.93
N TYR A 123 -4.53 25.95 -8.15
CA TYR A 123 -4.15 24.53 -8.13
C TYR A 123 -5.38 23.68 -8.39
N PRO A 124 -5.94 23.74 -9.60
CA PRO A 124 -7.24 23.10 -9.85
C PRO A 124 -7.20 21.58 -9.86
N GLU A 125 -6.02 20.98 -9.97
CA GLU A 125 -5.90 19.53 -9.96
C GLU A 125 -5.44 18.98 -8.61
N ASN A 126 -5.20 19.85 -7.62
CA ASN A 126 -4.67 19.44 -6.33
C ASN A 126 -5.42 20.04 -5.15
N PHE A 127 -6.59 20.64 -5.39
CA PHE A 127 -7.34 21.35 -4.36
C PHE A 127 -8.81 21.24 -4.75
N PHE A 128 -9.63 20.73 -3.84
CA PHE A 128 -11.01 20.41 -4.22
C PHE A 128 -11.97 20.82 -3.13
N LEU A 129 -13.13 21.31 -3.56
CA LEU A 129 -14.18 21.81 -2.65
C LEU A 129 -15.48 21.08 -2.98
N LEU A 130 -16.05 20.43 -1.98
CA LEU A 130 -17.39 19.85 -2.08
C LEU A 130 -18.44 20.82 -1.53
N ARG A 131 -19.67 20.58 -1.91
CA ARG A 131 -20.79 21.42 -1.48
C ARG A 131 -21.35 20.93 -0.16
N GLY A 132 -21.48 21.85 0.80
CA GLY A 132 -22.18 21.60 2.04
C GLY A 132 -23.59 22.19 2.01
N ASN A 133 -24.34 21.92 3.08
CA ASN A 133 -25.71 22.39 3.16
C ASN A 133 -25.81 23.91 3.31
N HIS A 134 -24.73 24.58 3.72
CA HIS A 134 -24.68 26.03 3.79
C HIS A 134 -24.23 26.69 2.48
N GLU A 135 -23.79 25.91 1.49
CA GLU A 135 -23.54 26.44 0.15
C GLU A 135 -24.83 26.41 -0.67
N CYS A 136 -25.84 27.08 -0.10
CA CYS A 136 -27.19 27.07 -0.65
C CYS A 136 -27.79 28.42 -0.31
N ALA A 137 -28.36 29.08 -1.31
CA ALA A 137 -28.87 30.44 -1.11
C ALA A 137 -29.84 30.51 0.06
N SER A 138 -30.76 29.56 0.14
CA SER A 138 -31.80 29.61 1.17
C SER A 138 -31.26 29.39 2.58
N ILE A 139 -30.09 28.76 2.73
CA ILE A 139 -29.51 28.56 4.05
C ILE A 139 -28.58 29.69 4.44
N ASN A 140 -27.64 30.05 3.56
CA ASN A 140 -26.67 31.08 3.96
C ASN A 140 -27.25 32.47 3.92
N ARG A 141 -28.44 32.65 3.33
CA ARG A 141 -29.21 33.87 3.53
C ARG A 141 -29.52 34.07 5.01
N ILE A 142 -29.65 32.97 5.75
CA ILE A 142 -30.25 32.97 7.08
C ILE A 142 -29.20 33.04 8.17
N TYR A 143 -28.08 32.36 7.99
CA TYR A 143 -27.11 32.16 9.06
C TYR A 143 -25.87 33.05 8.92
N GLY A 144 -25.92 34.10 8.11
CA GLY A 144 -24.88 35.10 8.21
C GLY A 144 -24.15 35.52 6.95
N PHE A 145 -24.06 34.65 5.95
CA PHE A 145 -23.26 34.98 4.77
C PHE A 145 -23.84 36.17 4.01
N TYR A 146 -25.15 36.15 3.75
CA TYR A 146 -25.80 37.30 3.14
C TYR A 146 -25.56 38.56 3.95
N ASP A 147 -25.70 38.46 5.27
CA ASP A 147 -25.48 39.62 6.13
C ASP A 147 -24.08 40.20 5.95
N GLU A 148 -23.07 39.33 5.83
CA GLU A 148 -21.70 39.76 5.62
C GLU A 148 -21.52 40.42 4.25
N CYS A 149 -22.07 39.83 3.20
CA CYS A 149 -21.99 40.44 1.88
C CYS A 149 -22.66 41.81 1.86
N LYS A 150 -23.86 41.92 2.45
CA LYS A 150 -24.57 43.19 2.45
C LYS A 150 -23.78 44.25 3.21
N ARG A 151 -23.16 43.87 4.32
CA ARG A 151 -22.42 44.83 5.13
C ARG A 151 -21.15 45.28 4.43
N ARG A 152 -20.36 44.33 3.92
CA ARG A 152 -19.05 44.65 3.36
C ARG A 152 -19.08 44.93 1.87
N TYR A 153 -20.07 44.40 1.15
CA TYR A 153 -20.15 44.62 -0.29
C TYR A 153 -21.57 44.99 -0.69
N ASN A 154 -22.26 44.09 -1.38
CA ASN A 154 -23.63 44.34 -1.82
C ASN A 154 -24.35 43.02 -2.04
N ILE A 155 -25.64 43.13 -2.35
CA ILE A 155 -26.46 41.94 -2.53
C ILE A 155 -26.10 41.22 -3.83
N LYS A 156 -25.79 41.98 -4.87
CA LYS A 156 -25.46 41.38 -6.16
C LYS A 156 -24.27 40.43 -6.04
N LEU A 157 -23.31 40.76 -5.18
CA LEU A 157 -22.16 39.89 -4.98
C LEU A 157 -22.58 38.58 -4.31
N TRP A 158 -23.50 38.66 -3.35
CA TRP A 158 -24.03 37.46 -2.71
C TRP A 158 -24.74 36.57 -3.73
N LYS A 159 -25.51 37.17 -4.63
CA LYS A 159 -26.11 36.40 -5.71
C LYS A 159 -25.06 35.78 -6.62
N THR A 160 -23.93 36.48 -6.82
CA THR A 160 -22.83 35.91 -7.59
C THR A 160 -22.25 34.69 -6.91
N PHE A 161 -22.10 34.74 -5.58
CA PHE A 161 -21.66 33.57 -4.82
C PHE A 161 -22.64 32.41 -4.97
N THR A 162 -23.94 32.72 -4.96
CA THR A 162 -24.94 31.66 -5.13
C THR A 162 -24.78 30.97 -6.48
N ASP A 163 -24.51 31.75 -7.53
CA ASP A 163 -24.23 31.17 -8.84
C ASP A 163 -23.03 30.24 -8.80
N CYS A 164 -22.01 30.60 -8.02
CA CYS A 164 -20.83 29.75 -7.92
C CYS A 164 -21.13 28.49 -7.12
N PHE A 165 -21.73 28.65 -5.93
CA PHE A 165 -22.04 27.50 -5.08
C PHE A 165 -22.92 26.47 -5.80
N ASN A 166 -23.81 26.92 -6.68
CA ASN A 166 -24.70 26.01 -7.39
C ASN A 166 -23.98 25.07 -8.35
N CYS A 167 -22.68 25.29 -8.59
CA CYS A 167 -21.91 24.45 -9.48
C CYS A 167 -20.89 23.57 -8.76
N LEU A 168 -20.85 23.64 -7.44
CA LEU A 168 -19.90 22.83 -6.69
C LEU A 168 -20.17 21.35 -6.91
N PRO A 169 -19.14 20.51 -6.90
CA PRO A 169 -19.35 19.06 -6.93
C PRO A 169 -19.95 18.60 -5.61
N ILE A 170 -20.53 17.39 -5.64
CA ILE A 170 -21.36 16.93 -4.55
C ILE A 170 -20.70 15.83 -3.72
N ALA A 171 -19.86 15.00 -4.32
CA ALA A 171 -19.23 13.91 -3.59
C ALA A 171 -17.91 13.57 -4.26
N ALA A 172 -17.06 12.86 -3.52
CA ALA A 172 -15.79 12.40 -4.04
C ALA A 172 -15.52 11.00 -3.52
N ILE A 173 -14.89 10.19 -4.36
CA ILE A 173 -14.43 8.86 -3.98
C ILE A 173 -12.92 8.81 -4.17
N VAL A 174 -12.20 8.50 -3.10
CA VAL A 174 -10.74 8.51 -3.10
C VAL A 174 -10.23 7.10 -3.33
N ASP A 175 -9.50 6.92 -4.43
CA ASP A 175 -8.92 5.63 -4.82
C ASP A 175 -9.92 4.47 -4.70
N GLU A 176 -11.17 4.74 -5.09
CA GLU A 176 -12.21 3.71 -5.14
C GLU A 176 -12.48 3.08 -3.78
N LYS A 177 -12.12 3.75 -2.69
CA LYS A 177 -12.23 3.13 -1.37
C LYS A 177 -12.84 4.05 -0.30
N ILE A 178 -12.73 5.37 -0.45
CA ILE A 178 -13.27 6.30 0.55
C ILE A 178 -14.30 7.19 -0.12
N PHE A 179 -15.57 7.06 0.29
CA PHE A 179 -16.65 7.87 -0.25
C PHE A 179 -16.83 9.11 0.63
N CYS A 180 -16.76 10.30 0.02
CA CYS A 180 -16.80 11.56 0.73
C CYS A 180 -17.94 12.42 0.22
N CYS A 181 -18.71 12.98 1.15
CA CYS A 181 -19.74 13.97 0.86
C CYS A 181 -20.00 14.72 2.17
N HIS A 182 -20.73 15.84 2.08
CA HIS A 182 -20.86 16.68 3.27
C HIS A 182 -21.72 16.01 4.33
N GLY A 183 -22.92 15.55 3.96
CA GLY A 183 -23.86 15.02 4.92
C GLY A 183 -23.77 13.51 5.11
N GLY A 184 -24.40 12.75 4.22
CA GLY A 184 -24.38 11.30 4.34
C GLY A 184 -25.14 10.55 3.26
N LEU A 185 -25.63 9.36 3.60
CA LEU A 185 -26.27 8.46 2.65
C LEU A 185 -27.72 8.88 2.41
N SER A 186 -28.35 8.21 1.42
CA SER A 186 -29.73 8.47 1.04
C SER A 186 -30.46 7.17 0.76
N PRO A 187 -31.74 7.07 1.16
CA PRO A 187 -32.54 5.90 0.77
C PRO A 187 -32.79 5.85 -0.72
N ASP A 188 -32.60 6.96 -1.45
CA ASP A 188 -32.75 7.00 -2.89
C ASP A 188 -31.47 6.65 -3.62
N LEU A 189 -30.35 6.59 -2.91
CA LEU A 189 -29.03 6.37 -3.54
C LEU A 189 -28.81 4.88 -3.74
N GLN A 190 -28.92 4.43 -4.98
CA GLN A 190 -28.70 3.04 -5.35
C GLN A 190 -27.49 2.82 -6.23
N SER A 191 -27.21 3.72 -7.17
CA SER A 191 -26.06 3.60 -8.06
C SER A 191 -25.34 4.94 -8.16
N MET A 192 -24.01 4.89 -8.26
CA MET A 192 -23.21 6.11 -8.43
C MET A 192 -23.62 6.91 -9.64
N GLU A 193 -24.23 6.27 -10.65
CA GLU A 193 -24.72 7.00 -11.80
C GLU A 193 -25.76 8.02 -11.40
N GLN A 194 -26.50 7.77 -10.32
CA GLN A 194 -27.50 8.73 -9.86
C GLN A 194 -26.86 10.05 -9.45
N ILE A 195 -25.63 10.01 -8.93
CA ILE A 195 -24.94 11.25 -8.59
C ILE A 195 -24.37 11.89 -9.85
N ARG A 196 -23.76 11.10 -10.73
CA ARG A 196 -23.13 11.65 -11.92
C ARG A 196 -24.15 12.33 -12.83
N ARG A 197 -25.40 11.86 -12.83
CA ARG A 197 -26.41 12.40 -13.73
C ARG A 197 -27.00 13.72 -13.25
N ILE A 198 -26.67 14.17 -12.04
CA ILE A 198 -27.18 15.44 -11.55
C ILE A 198 -26.60 16.57 -12.39
N MET A 199 -27.45 17.39 -12.99
CA MET A 199 -27.01 18.48 -13.83
C MET A 199 -26.78 19.74 -13.00
N ARG A 200 -25.77 20.51 -13.37
CA ARG A 200 -25.45 21.76 -12.71
C ARG A 200 -25.60 22.90 -13.71
N PRO A 201 -25.89 24.13 -13.24
CA PRO A 201 -26.08 24.54 -11.84
C PRO A 201 -27.39 24.02 -11.28
N THR A 202 -27.42 23.80 -9.97
CA THR A 202 -28.64 23.33 -9.33
C THR A 202 -28.71 23.87 -7.92
N ASP A 203 -29.94 24.14 -7.47
CA ASP A 203 -30.20 24.40 -6.07
C ASP A 203 -30.31 23.08 -5.32
N VAL A 204 -30.31 23.15 -4.00
CA VAL A 204 -30.50 21.98 -3.15
C VAL A 204 -32.01 21.84 -2.88
N PRO A 205 -32.63 20.74 -3.29
CA PRO A 205 -34.08 20.60 -3.09
C PRO A 205 -34.47 20.38 -1.64
N ASP A 206 -35.77 20.47 -1.40
CA ASP A 206 -36.30 20.25 -0.05
C ASP A 206 -36.25 18.79 0.36
N GLN A 207 -36.18 17.87 -0.60
CA GLN A 207 -36.02 16.45 -0.30
C GLN A 207 -35.43 15.78 -1.53
N GLY A 208 -35.03 14.53 -1.36
CA GLY A 208 -34.47 13.74 -2.44
C GLY A 208 -32.99 13.48 -2.25
N LEU A 209 -32.41 12.79 -3.22
CA LEU A 209 -31.02 12.36 -3.17
C LEU A 209 -30.07 13.52 -2.87
N LEU A 210 -30.12 14.56 -3.70
CA LEU A 210 -29.19 15.68 -3.54
C LEU A 210 -29.35 16.33 -2.16
N CYS A 211 -30.59 16.52 -1.74
CA CYS A 211 -30.85 17.01 -0.39
C CYS A 211 -30.22 16.09 0.67
N ASP A 212 -30.49 14.78 0.57
CA ASP A 212 -29.99 13.83 1.57
C ASP A 212 -28.47 13.81 1.64
N LEU A 213 -27.79 13.84 0.49
CA LEU A 213 -26.34 13.81 0.46
C LEU A 213 -25.70 14.93 1.28
N LEU A 214 -26.39 16.07 1.40
CA LEU A 214 -25.86 17.23 2.09
C LEU A 214 -26.48 17.44 3.47
N TRP A 215 -27.53 16.70 3.81
CA TRP A 215 -28.30 16.95 5.02
C TRP A 215 -28.45 15.78 5.97
N SER A 216 -28.33 14.53 5.51
CA SER A 216 -28.61 13.40 6.38
C SER A 216 -27.49 13.20 7.40
N ASP A 217 -27.81 12.47 8.46
CA ASP A 217 -26.92 12.23 9.59
C ASP A 217 -26.95 10.76 9.98
N PRO A 218 -25.82 10.23 10.47
CA PRO A 218 -25.85 8.89 11.06
C PRO A 218 -26.45 8.95 12.44
N ASP A 219 -27.00 7.83 12.89
CA ASP A 219 -27.59 7.75 14.22
C ASP A 219 -27.35 6.36 14.81
N LYS A 220 -26.81 6.33 16.03
CA LYS A 220 -26.50 5.05 16.67
C LYS A 220 -27.75 4.28 17.03
N ASP A 221 -28.88 4.96 17.19
CA ASP A 221 -30.09 4.34 17.72
C ASP A 221 -31.09 3.92 16.66
N VAL A 222 -30.89 4.31 15.41
CA VAL A 222 -31.84 3.94 14.38
C VAL A 222 -31.38 2.65 13.70
N GLN A 223 -32.35 1.79 13.42
CA GLN A 223 -32.13 0.59 12.62
C GLN A 223 -32.74 0.86 11.26
N GLY A 224 -31.89 1.05 10.26
CA GLY A 224 -32.36 1.43 8.95
C GLY A 224 -32.40 2.94 8.83
N TRP A 225 -33.54 3.47 8.40
CA TRP A 225 -33.72 4.90 8.17
C TRP A 225 -34.72 5.48 9.17
N GLY A 226 -34.39 6.68 9.68
CA GLY A 226 -35.25 7.36 10.63
C GLY A 226 -35.41 8.83 10.28
N GLU A 227 -36.30 9.50 11.01
CA GLU A 227 -36.55 10.91 10.80
C GLU A 227 -35.45 11.74 11.45
N ASN A 228 -35.08 12.83 10.79
CA ASN A 228 -33.99 13.68 11.24
C ASN A 228 -34.54 14.83 12.10
N ASP A 229 -33.93 15.05 13.25
CA ASP A 229 -34.39 16.12 14.14
C ASP A 229 -34.29 17.50 13.51
N ARG A 230 -33.51 17.66 12.44
CA ARG A 230 -33.40 18.95 11.77
C ARG A 230 -34.67 19.33 11.01
N GLY A 231 -35.60 18.40 10.81
CA GLY A 231 -36.76 18.63 9.99
C GLY A 231 -36.54 18.41 8.52
N VAL A 232 -35.35 17.94 8.13
CA VAL A 232 -35.00 17.72 6.73
C VAL A 232 -34.26 16.39 6.61
N SER A 233 -34.58 15.64 5.55
CA SER A 233 -33.87 14.41 5.20
C SER A 233 -34.07 13.34 6.26
N PHE A 234 -33.08 12.46 6.44
CA PHE A 234 -33.24 11.27 7.25
C PHE A 234 -32.02 11.07 8.13
N THR A 235 -32.14 10.10 9.03
CA THR A 235 -31.01 9.52 9.74
C THR A 235 -30.82 8.09 9.26
N PHE A 236 -29.58 7.60 9.32
CA PHE A 236 -29.28 6.25 8.90
C PHE A 236 -28.44 5.54 9.98
N GLY A 237 -28.66 4.24 10.10
CA GLY A 237 -28.04 3.43 11.13
C GLY A 237 -26.78 2.73 10.67
N ALA A 238 -26.21 1.95 11.59
CA ALA A 238 -24.94 1.29 11.29
C ALA A 238 -25.08 0.22 10.22
N GLU A 239 -26.21 -0.49 10.19
CA GLU A 239 -26.44 -1.50 9.17
C GLU A 239 -26.54 -0.88 7.78
N VAL A 240 -27.09 0.33 7.68
CA VAL A 240 -27.14 1.03 6.40
C VAL A 240 -25.74 1.26 5.86
N VAL A 241 -24.83 1.75 6.72
CA VAL A 241 -23.44 1.96 6.32
C VAL A 241 -22.80 0.67 5.85
N ALA A 242 -22.95 -0.40 6.64
CA ALA A 242 -22.34 -1.68 6.29
C ALA A 242 -22.85 -2.18 4.94
N LYS A 243 -24.18 -2.10 4.74
CA LYS A 243 -24.75 -2.54 3.48
C LYS A 243 -24.22 -1.70 2.32
N PHE A 244 -24.11 -0.40 2.53
CA PHE A 244 -23.62 0.49 1.47
C PHE A 244 -22.18 0.18 1.09
N LEU A 245 -21.31 0.02 2.09
CA LEU A 245 -19.90 -0.22 1.80
C LEU A 245 -19.68 -1.53 1.04
N HIS A 246 -20.32 -2.62 1.49
CA HIS A 246 -20.14 -3.89 0.82
C HIS A 246 -20.67 -3.84 -0.61
N LYS A 247 -21.78 -3.14 -0.83
CA LYS A 247 -22.38 -3.06 -2.16
C LYS A 247 -21.45 -2.39 -3.17
N HIS A 248 -20.78 -1.32 -2.76
CA HIS A 248 -19.96 -0.52 -3.66
C HIS A 248 -18.46 -0.78 -3.51
N ASP A 249 -18.09 -1.84 -2.78
CA ASP A 249 -16.69 -2.22 -2.58
C ASP A 249 -15.88 -1.05 -2.02
N LEU A 250 -16.48 -0.33 -1.06
CA LEU A 250 -15.84 0.77 -0.38
C LEU A 250 -15.43 0.36 1.02
N ASP A 251 -14.49 1.10 1.58
CA ASP A 251 -13.94 0.79 2.89
C ASP A 251 -14.30 1.80 3.98
N LEU A 252 -14.58 3.06 3.61
CA LEU A 252 -14.78 4.10 4.60
C LEU A 252 -15.64 5.20 4.01
N ILE A 253 -16.59 5.69 4.81
CA ILE A 253 -17.32 6.92 4.48
C ILE A 253 -16.77 8.05 5.34
N CYS A 254 -16.43 9.16 4.70
CA CYS A 254 -15.89 10.34 5.38
C CYS A 254 -16.83 11.50 5.12
N ARG A 255 -17.39 12.08 6.19
CA ARG A 255 -18.37 13.14 6.08
C ARG A 255 -18.15 14.15 7.19
N ALA A 256 -18.99 15.19 7.20
CA ALA A 256 -18.82 16.32 8.12
C ALA A 256 -20.13 16.69 8.80
N HIS A 257 -20.48 17.97 8.77
CA HIS A 257 -21.85 18.47 9.00
C HIS A 257 -22.28 18.50 10.46
N GLN A 258 -21.62 17.73 11.33
CA GLN A 258 -21.98 17.73 12.74
C GLN A 258 -20.76 18.03 13.60
N VAL A 259 -20.96 18.85 14.62
CA VAL A 259 -19.89 19.15 15.57
C VAL A 259 -19.56 17.89 16.36
N VAL A 260 -18.28 17.62 16.50
CA VAL A 260 -17.79 16.48 17.27
C VAL A 260 -16.69 16.97 18.19
N GLU A 261 -16.72 16.51 19.44
CA GLU A 261 -15.88 17.11 20.48
C GLU A 261 -14.40 17.02 20.16
N ASP A 262 -13.95 15.86 19.67
CA ASP A 262 -12.53 15.62 19.41
C ASP A 262 -12.10 16.06 18.02
N GLY A 263 -13.02 16.57 17.20
CA GLY A 263 -12.72 16.97 15.84
C GLY A 263 -12.97 15.88 14.81
N TYR A 264 -12.85 14.63 15.23
CA TYR A 264 -13.26 13.48 14.45
C TYR A 264 -14.05 12.56 15.35
N GLU A 265 -14.90 11.73 14.77
CA GLU A 265 -15.68 10.81 15.58
C GLU A 265 -16.13 9.63 14.72
N PHE A 266 -15.84 8.43 15.19
CA PHE A 266 -16.14 7.22 14.45
C PHE A 266 -17.56 6.73 14.71
N PHE A 267 -18.09 6.00 13.72
CA PHE A 267 -19.43 5.44 13.75
C PHE A 267 -19.42 4.08 13.04
N ALA A 268 -20.31 3.19 13.47
CA ALA A 268 -20.45 1.86 12.87
C ALA A 268 -19.12 1.12 12.91
N LYS A 269 -18.61 0.93 14.13
CA LYS A 269 -17.24 0.52 14.36
C LYS A 269 -16.33 1.62 13.81
N ARG A 270 -15.70 1.38 12.68
CA ARG A 270 -14.86 2.40 12.06
C ARG A 270 -15.21 2.60 10.59
N GLN A 271 -16.44 2.28 10.20
CA GLN A 271 -16.81 2.36 8.79
C GLN A 271 -17.15 3.78 8.35
N LEU A 272 -17.41 4.68 9.29
CA LEU A 272 -17.69 6.07 8.97
C LEU A 272 -16.98 6.97 9.96
N VAL A 273 -16.47 8.10 9.46
CA VAL A 273 -15.85 9.12 10.29
C VAL A 273 -16.47 10.47 9.97
N THR A 274 -16.79 11.22 11.02
CA THR A 274 -17.25 12.59 10.89
C THR A 274 -16.09 13.52 11.17
N LEU A 275 -15.87 14.50 10.30
CA LEU A 275 -14.82 15.48 10.49
C LEU A 275 -15.44 16.86 10.68
N PHE A 276 -14.81 17.65 11.55
CA PHE A 276 -15.22 19.02 11.80
C PHE A 276 -13.95 19.82 12.05
N SER A 277 -13.76 20.89 11.30
CA SER A 277 -12.47 21.57 11.27
C SER A 277 -12.54 23.00 11.83
N ALA A 278 -13.61 23.35 12.54
CA ALA A 278 -13.74 24.68 13.13
C ALA A 278 -13.67 24.60 14.65
N PRO A 279 -12.51 24.83 15.26
CA PRO A 279 -12.43 24.77 16.73
C PRO A 279 -13.24 25.87 17.39
N ASN A 280 -13.72 25.58 18.60
CA ASN A 280 -14.59 26.48 19.36
C ASN A 280 -15.69 27.06 18.48
N TYR A 281 -16.44 26.14 17.86
CA TYR A 281 -17.48 26.46 16.88
C TYR A 281 -18.36 27.61 17.36
N CYS A 282 -18.31 28.72 16.60
CA CYS A 282 -18.96 29.99 16.91
C CYS A 282 -18.96 30.34 18.40
N GLY A 283 -17.87 30.01 19.09
CA GLY A 283 -17.68 30.40 20.48
C GLY A 283 -18.69 29.82 21.44
N GLU A 284 -19.46 28.83 21.00
CA GLU A 284 -20.50 28.21 21.82
C GLU A 284 -20.15 26.79 22.23
N PHE A 285 -19.16 26.17 21.60
CA PHE A 285 -18.70 24.84 21.92
C PHE A 285 -17.22 24.90 22.24
N ASP A 286 -16.74 23.84 22.89
CA ASP A 286 -15.33 23.70 23.21
C ASP A 286 -14.68 22.57 22.41
N ASN A 287 -15.12 22.39 21.16
CA ASN A 287 -14.58 21.31 20.35
C ASN A 287 -13.25 21.69 19.71
N ALA A 288 -12.43 20.69 19.46
CA ALA A 288 -11.25 20.83 18.62
C ALA A 288 -11.60 20.56 17.17
N GLY A 289 -10.71 21.00 16.27
CA GLY A 289 -10.82 20.67 14.88
C GLY A 289 -9.88 19.56 14.48
N ALA A 290 -10.17 18.92 13.36
CA ALA A 290 -9.31 17.87 12.83
C ALA A 290 -9.39 17.83 11.32
N MET A 291 -8.32 17.33 10.72
CA MET A 291 -8.30 16.91 9.32
C MET A 291 -7.69 15.52 9.24
N MET A 292 -8.06 14.78 8.20
CA MET A 292 -7.62 13.41 8.01
C MET A 292 -6.60 13.37 6.88
N SER A 293 -5.42 12.82 7.17
CA SER A 293 -4.41 12.61 6.14
C SER A 293 -4.51 11.19 5.60
N VAL A 294 -4.50 11.06 4.28
CA VAL A 294 -4.49 9.78 3.58
C VAL A 294 -3.22 9.73 2.73
N ASP A 295 -2.34 8.77 3.03
CA ASP A 295 -1.12 8.65 2.25
C ASP A 295 -1.33 7.70 1.06
N GLU A 296 -0.28 7.51 0.26
CA GLU A 296 -0.41 6.74 -0.97
C GLU A 296 -0.82 5.30 -0.69
N THR A 297 -0.58 4.82 0.52
CA THR A 297 -0.99 3.49 0.95
C THR A 297 -2.41 3.46 1.52
N LEU A 298 -3.12 4.59 1.51
CA LEU A 298 -4.48 4.74 2.05
C LEU A 298 -4.54 4.54 3.55
N MET A 299 -3.45 4.80 4.27
CA MET A 299 -3.49 4.84 5.72
C MET A 299 -4.02 6.19 6.19
N CYS A 300 -5.03 6.16 7.06
CA CYS A 300 -5.68 7.37 7.52
C CYS A 300 -5.23 7.71 8.93
N SER A 301 -4.78 8.95 9.11
CA SER A 301 -4.37 9.46 10.40
C SER A 301 -5.01 10.83 10.57
N PHE A 302 -5.08 11.28 11.81
CA PHE A 302 -5.77 12.52 12.12
C PHE A 302 -4.81 13.52 12.74
N GLN A 303 -4.98 14.79 12.36
CA GLN A 303 -4.24 15.90 12.92
C GLN A 303 -5.22 16.84 13.60
N ILE A 304 -4.90 17.26 14.82
CA ILE A 304 -5.85 17.98 15.66
C ILE A 304 -5.44 19.44 15.75
N LEU A 305 -6.43 20.31 15.62
CA LEU A 305 -6.30 21.75 15.82
C LEU A 305 -7.14 22.07 17.06
N LYS A 306 -6.47 22.26 18.19
CA LYS A 306 -7.20 22.40 19.45
C LYS A 306 -7.02 23.80 20.01
N PRO A 307 -8.11 24.52 20.26
CA PRO A 307 -8.01 25.81 20.96
C PRO A 307 -7.45 25.65 22.36
N ALA A 308 -6.93 26.75 22.90
CA ALA A 308 -6.45 26.76 24.27
C ALA A 308 -7.62 26.81 25.24
N ASP A 309 -7.59 25.95 26.26
CA ASP A 309 -8.67 25.90 27.25
C ASP A 309 -8.62 27.09 28.19
N PRO A 327 9.73 9.66 38.46
CA PRO A 327 8.75 10.49 39.19
C PRO A 327 9.41 11.32 40.29
N ILE A 328 8.75 12.40 40.70
CA ILE A 328 9.29 13.31 41.69
C ILE A 328 9.48 12.61 43.03
N THR A 329 10.74 12.47 43.44
CA THR A 329 11.04 11.91 44.75
C THR A 329 10.45 12.78 45.86
N PRO A 330 9.79 12.19 46.86
CA PRO A 330 9.16 12.99 47.91
C PRO A 330 10.21 13.71 48.76
N PRO A 331 9.79 14.73 49.52
CA PRO A 331 10.76 15.45 50.37
C PRO A 331 11.28 14.61 51.53
N ARG A 332 12.05 15.21 52.44
CA ARG A 332 12.62 14.50 53.56
C ARG A 332 12.64 15.39 54.79
N ASN A 333 12.65 14.75 55.96
CA ASN A 333 12.69 15.47 57.23
C ASN A 333 14.01 15.23 57.97
N ASN B 17 31.50 14.17 -29.81
CA ASN B 17 31.46 12.96 -30.65
C ASN B 17 30.57 11.90 -30.02
N LEU B 18 30.62 11.81 -28.69
CA LEU B 18 29.83 10.81 -27.96
C LEU B 18 28.34 10.99 -28.23
N ASP B 19 27.85 12.22 -28.12
CA ASP B 19 26.42 12.47 -28.35
C ASP B 19 26.03 12.10 -29.78
N SER B 20 26.91 12.38 -30.74
CA SER B 20 26.65 12.01 -32.14
C SER B 20 26.49 10.50 -32.31
N ILE B 21 27.34 9.72 -31.65
CA ILE B 21 27.27 8.26 -31.76
C ILE B 21 25.97 7.73 -31.15
N ILE B 22 25.65 8.16 -29.92
CA ILE B 22 24.43 7.72 -29.28
C ILE B 22 23.21 8.08 -30.12
N GLY B 23 23.17 9.31 -30.64
CA GLY B 23 22.05 9.72 -31.47
C GLY B 23 21.84 8.81 -32.66
N ARG B 24 22.93 8.43 -33.34
CA ARG B 24 22.81 7.55 -34.49
C ARG B 24 22.41 6.14 -34.07
N LEU B 25 22.91 5.69 -32.91
CA LEU B 25 22.51 4.37 -32.41
C LEU B 25 21.03 4.32 -32.06
N LEU B 26 20.51 5.40 -31.47
CA LEU B 26 19.09 5.46 -31.11
C LEU B 26 18.21 5.90 -32.26
N GLU B 27 18.80 6.25 -33.39
CA GLU B 27 18.07 6.75 -34.55
C GLU B 27 17.14 5.69 -35.12
N VAL B 28 17.47 4.41 -34.94
CA VAL B 28 16.72 3.29 -35.51
C VAL B 28 15.62 2.82 -34.57
N GLN B 29 15.35 3.61 -33.51
CA GLN B 29 14.31 3.23 -32.54
C GLN B 29 12.99 2.89 -33.21
N GLY B 30 12.60 3.64 -34.24
CA GLY B 30 11.35 3.43 -34.93
C GLY B 30 11.41 2.59 -36.18
N SER B 31 12.54 1.98 -36.47
CA SER B 31 12.71 1.27 -37.72
C SER B 31 12.29 -0.19 -37.57
N ARG B 32 12.05 -0.84 -38.70
CA ARG B 32 11.76 -2.26 -38.69
C ARG B 32 12.99 -3.00 -38.17
N PRO B 33 12.84 -3.88 -37.17
CA PRO B 33 14.00 -4.53 -36.57
C PRO B 33 14.91 -5.17 -37.60
N GLY B 34 16.21 -4.98 -37.45
CA GLY B 34 17.21 -5.48 -38.37
C GLY B 34 18.05 -4.41 -39.03
N LYS B 35 17.56 -3.16 -39.11
CA LYS B 35 18.32 -2.09 -39.73
C LYS B 35 19.60 -1.78 -38.94
N ASN B 36 20.74 -1.81 -39.62
CA ASN B 36 22.04 -1.60 -39.01
C ASN B 36 22.32 -0.12 -38.77
N VAL B 37 23.20 0.15 -37.81
CA VAL B 37 23.83 1.45 -37.62
C VAL B 37 25.31 1.27 -37.89
N GLN B 38 25.81 1.88 -38.95
CA GLN B 38 27.19 1.66 -39.39
C GLN B 38 28.03 2.87 -38.95
N LEU B 39 28.59 2.78 -37.76
CA LEU B 39 29.53 3.77 -37.27
C LEU B 39 30.85 3.62 -38.05
N THR B 40 31.72 4.62 -37.91
CA THR B 40 33.03 4.48 -38.51
C THR B 40 33.92 3.62 -37.63
N GLU B 41 34.92 2.99 -38.25
CA GLU B 41 35.88 2.18 -37.50
C GLU B 41 36.53 2.98 -36.37
N ASN B 42 36.91 4.23 -36.64
CA ASN B 42 37.56 5.05 -35.62
C ASN B 42 36.63 5.36 -34.46
N GLU B 43 35.34 5.60 -34.75
CA GLU B 43 34.37 5.82 -33.66
C GLU B 43 34.33 4.62 -32.73
N ILE B 44 34.22 3.42 -33.30
CA ILE B 44 34.12 2.23 -32.46
C ILE B 44 35.38 2.02 -31.65
N ARG B 45 36.55 2.20 -32.28
CA ARG B 45 37.81 2.10 -31.54
C ARG B 45 37.87 3.12 -30.40
N GLY B 46 37.31 4.31 -30.63
CA GLY B 46 37.26 5.30 -29.57
C GLY B 46 36.45 4.86 -28.37
N LEU B 47 35.26 4.30 -28.63
CA LEU B 47 34.43 3.75 -27.55
C LEU B 47 35.18 2.69 -26.75
N CYS B 48 35.90 1.80 -27.42
CA CYS B 48 36.63 0.73 -26.74
C CYS B 48 37.75 1.31 -25.87
N LEU B 49 38.53 2.23 -26.42
CA LEU B 49 39.66 2.78 -25.67
C LEU B 49 39.19 3.60 -24.46
N LYS B 50 38.18 4.46 -24.67
CA LYS B 50 37.71 5.31 -23.58
C LYS B 50 37.02 4.51 -22.49
N SER B 51 36.17 3.54 -22.85
CA SER B 51 35.50 2.74 -21.83
C SER B 51 36.50 1.86 -21.09
N ARG B 52 37.51 1.34 -21.79
CA ARG B 52 38.54 0.52 -21.15
C ARG B 52 39.21 1.28 -20.01
N GLU B 53 39.51 2.57 -20.23
CA GLU B 53 40.07 3.41 -19.17
C GLU B 53 39.17 3.42 -17.94
N ILE B 54 37.86 3.61 -18.15
CA ILE B 54 36.92 3.70 -17.03
C ILE B 54 36.87 2.39 -16.26
N PHE B 55 36.74 1.27 -16.98
CA PHE B 55 36.71 -0.03 -16.32
C PHE B 55 37.91 -0.22 -15.40
N LEU B 56 39.09 0.16 -15.86
CA LEU B 56 40.30 0.02 -15.05
C LEU B 56 40.34 1.03 -13.90
N SER B 57 39.71 2.19 -14.06
CA SER B 57 39.68 3.17 -12.98
C SER B 57 38.70 2.79 -11.88
N GLN B 58 37.77 1.91 -12.17
CA GLN B 58 36.78 1.42 -11.22
C GLN B 58 37.17 0.06 -10.68
N PRO B 59 36.66 -0.33 -9.52
CA PRO B 59 37.06 -1.62 -8.93
C PRO B 59 36.62 -2.80 -9.77
N ILE B 60 37.42 -3.88 -9.68
CA ILE B 60 37.05 -5.13 -10.32
C ILE B 60 35.87 -5.77 -9.60
N LEU B 61 35.70 -5.45 -8.31
CA LEU B 61 34.52 -5.84 -7.55
C LEU B 61 33.75 -4.55 -7.25
N LEU B 62 32.75 -4.26 -8.09
CA LEU B 62 31.98 -3.03 -7.94
C LEU B 62 31.14 -3.07 -6.69
N GLU B 63 31.02 -1.93 -6.01
CA GLU B 63 30.18 -1.79 -4.83
C GLU B 63 29.13 -0.72 -5.11
N LEU B 64 27.89 -1.14 -5.31
CA LEU B 64 26.85 -0.28 -5.84
C LEU B 64 25.76 -0.02 -4.81
N GLU B 65 24.98 1.04 -5.06
CA GLU B 65 23.89 1.45 -4.19
C GLU B 65 22.60 1.55 -4.99
N ALA B 66 21.49 1.19 -4.36
CA ALA B 66 20.18 1.38 -4.96
C ALA B 66 19.86 2.87 -5.09
N PRO B 67 18.95 3.24 -6.02
CA PRO B 67 18.16 2.42 -6.95
C PRO B 67 18.96 1.92 -8.15
N LEU B 68 18.61 0.74 -8.64
CA LEU B 68 19.39 0.08 -9.68
C LEU B 68 18.50 -0.93 -10.40
N LYS B 69 18.73 -1.08 -11.70
CA LYS B 69 18.04 -2.07 -12.52
C LYS B 69 19.07 -3.03 -13.09
N ILE B 70 18.90 -4.33 -12.80
CA ILE B 70 19.90 -5.34 -13.14
C ILE B 70 19.36 -6.20 -14.27
N CYS B 71 20.17 -6.33 -15.33
CA CYS B 71 19.76 -7.02 -16.55
C CYS B 71 20.71 -8.16 -16.86
N GLY B 72 20.17 -9.22 -17.46
CA GLY B 72 20.90 -10.40 -17.80
C GLY B 72 21.46 -10.38 -19.20
N ASP B 73 21.53 -11.56 -19.80
CA ASP B 73 22.13 -11.72 -21.12
C ASP B 73 21.37 -10.89 -22.15
N ILE B 74 22.13 -10.34 -23.09
CA ILE B 74 21.55 -9.60 -24.22
C ILE B 74 21.79 -10.33 -25.53
N HIS B 75 22.99 -10.84 -25.74
CA HIS B 75 23.35 -11.67 -26.90
C HIS B 75 22.97 -10.98 -28.21
N GLY B 76 23.40 -9.73 -28.35
CA GLY B 76 23.32 -9.02 -29.61
C GLY B 76 21.95 -8.75 -30.18
N GLN B 77 20.90 -8.93 -29.37
CA GLN B 77 19.54 -8.65 -29.82
C GLN B 77 19.26 -7.17 -29.58
N TYR B 78 19.83 -6.34 -30.45
CA TYR B 78 19.88 -4.90 -30.21
C TYR B 78 18.49 -4.32 -30.02
N TYR B 79 17.54 -4.70 -30.87
CA TYR B 79 16.22 -4.09 -30.77
C TYR B 79 15.49 -4.53 -29.51
N ASP B 80 15.85 -5.68 -28.95
CA ASP B 80 15.31 -6.05 -27.64
C ASP B 80 15.91 -5.19 -26.55
N LEU B 81 17.19 -4.85 -26.67
CA LEU B 81 17.82 -3.92 -25.74
C LEU B 81 17.12 -2.56 -25.75
N LEU B 82 16.81 -2.07 -26.94
CA LEU B 82 16.08 -0.82 -27.05
C LEU B 82 14.74 -0.91 -26.33
N ARG B 83 14.04 -2.04 -26.48
CA ARG B 83 12.79 -2.22 -25.74
C ARG B 83 13.03 -2.25 -24.24
N LEU B 84 14.15 -2.86 -23.83
CA LEU B 84 14.52 -2.87 -22.42
C LEU B 84 14.66 -1.46 -21.87
N PHE B 85 15.37 -0.60 -22.59
CA PHE B 85 15.53 0.79 -22.16
C PHE B 85 14.20 1.54 -22.24
N GLU B 86 13.43 1.31 -23.30
CA GLU B 86 12.13 1.96 -23.42
C GLU B 86 11.26 1.69 -22.20
N TYR B 87 11.19 0.44 -21.77
CA TYR B 87 10.33 0.09 -20.65
C TYR B 87 10.98 0.34 -19.29
N GLY B 88 12.31 0.15 -19.19
CA GLY B 88 12.99 0.39 -17.94
C GLY B 88 13.36 1.84 -17.69
N GLY B 89 13.46 2.64 -18.76
CA GLY B 89 13.90 4.02 -18.64
C GLY B 89 15.30 4.20 -19.20
N PHE B 90 15.42 5.01 -20.25
CA PHE B 90 16.73 5.25 -20.85
C PHE B 90 17.65 6.00 -19.90
N PRO B 91 18.93 5.68 -19.88
CA PRO B 91 19.89 6.44 -19.06
C PRO B 91 19.80 7.94 -19.38
N PRO B 92 19.95 8.79 -18.36
CA PRO B 92 20.23 8.39 -16.98
C PRO B 92 19.02 8.32 -16.05
N GLU B 93 17.80 8.18 -16.60
CA GLU B 93 16.62 8.14 -15.74
C GLU B 93 16.68 6.98 -14.75
N SER B 94 17.28 5.86 -15.15
CA SER B 94 17.47 4.71 -14.28
C SER B 94 18.95 4.30 -14.31
N ASN B 95 19.40 3.73 -13.21
CA ASN B 95 20.75 3.18 -13.14
C ASN B 95 20.73 1.73 -13.56
N TYR B 96 21.78 1.30 -14.26
CA TYR B 96 21.81 -0.03 -14.85
C TYR B 96 23.08 -0.75 -14.46
N LEU B 97 22.94 -2.03 -14.13
CA LEU B 97 24.03 -2.99 -14.03
C LEU B 97 23.67 -4.15 -14.95
N PHE B 98 24.55 -4.42 -15.92
CA PHE B 98 24.39 -5.58 -16.79
C PHE B 98 25.34 -6.69 -16.36
N LEU B 99 24.88 -7.93 -16.50
CA LEU B 99 25.59 -9.09 -16.00
C LEU B 99 26.38 -9.84 -17.06
N GLY B 100 26.59 -9.24 -18.23
CA GLY B 100 27.47 -9.82 -19.22
C GLY B 100 26.70 -10.44 -20.39
N ASP B 101 27.48 -11.05 -21.28
CA ASP B 101 26.98 -11.68 -22.51
C ASP B 101 26.26 -10.67 -23.41
N TYR B 102 27.03 -9.66 -23.84
CA TYR B 102 26.53 -8.60 -24.71
C TYR B 102 26.58 -8.96 -26.19
N VAL B 103 27.51 -9.84 -26.57
CA VAL B 103 27.72 -10.20 -27.97
C VAL B 103 27.37 -11.67 -28.21
N ASP B 104 27.51 -12.10 -29.47
CA ASP B 104 27.34 -13.49 -29.93
C ASP B 104 25.88 -13.88 -30.11
N ARG B 105 25.63 -14.85 -30.99
CA ARG B 105 24.33 -15.47 -31.22
C ARG B 105 23.35 -14.50 -31.88
N GLY B 106 23.20 -13.31 -31.32
CA GLY B 106 22.36 -12.31 -31.97
C GLY B 106 23.02 -11.74 -33.20
N LYS B 107 22.20 -11.06 -34.00
CA LYS B 107 22.67 -10.55 -35.28
C LYS B 107 23.28 -9.15 -35.19
N GLN B 108 23.10 -8.44 -34.09
CA GLN B 108 23.54 -7.05 -33.95
C GLN B 108 24.36 -6.87 -32.68
N SER B 109 25.44 -7.65 -32.58
CA SER B 109 26.36 -7.54 -31.46
C SER B 109 27.01 -6.16 -31.41
N LEU B 110 27.40 -5.64 -32.58
CA LEU B 110 28.13 -4.37 -32.63
C LEU B 110 27.29 -3.21 -32.11
N GLU B 111 26.08 -3.04 -32.65
CA GLU B 111 25.21 -1.97 -32.20
C GLU B 111 24.92 -2.10 -30.71
N THR B 112 24.74 -3.33 -30.23
CA THR B 112 24.49 -3.57 -28.82
C THR B 112 25.65 -3.11 -27.95
N ILE B 113 26.86 -3.65 -28.22
CA ILE B 113 28.01 -3.34 -27.39
C ILE B 113 28.37 -1.85 -27.48
N CYS B 114 28.17 -1.25 -28.66
CA CYS B 114 28.51 0.16 -28.81
C CYS B 114 27.61 1.05 -27.97
N LEU B 115 26.29 0.80 -27.99
CA LEU B 115 25.39 1.58 -27.16
C LEU B 115 25.76 1.45 -25.69
N LEU B 116 26.06 0.23 -25.23
CA LEU B 116 26.40 0.01 -23.83
C LEU B 116 27.71 0.70 -23.47
N LEU B 117 28.71 0.63 -24.35
CA LEU B 117 29.96 1.34 -24.10
C LEU B 117 29.75 2.84 -24.13
N ALA B 118 28.91 3.33 -25.03
CA ALA B 118 28.62 4.77 -25.09
C ALA B 118 28.01 5.27 -23.80
N TYR B 119 27.01 4.55 -23.28
CA TYR B 119 26.38 4.92 -22.02
C TYR B 119 27.34 4.80 -20.84
N LYS B 120 28.22 3.81 -20.87
CA LYS B 120 29.25 3.68 -19.84
C LYS B 120 30.16 4.90 -19.80
N ILE B 121 30.49 5.46 -20.97
CA ILE B 121 31.35 6.64 -21.00
C ILE B 121 30.59 7.89 -20.59
N LYS B 122 29.34 8.03 -21.03
CA LYS B 122 28.61 9.26 -20.73
C LYS B 122 28.20 9.31 -19.26
N TYR B 123 27.80 8.18 -18.69
CA TYR B 123 27.31 8.10 -17.31
C TYR B 123 28.13 7.07 -16.55
N PRO B 124 29.42 7.34 -16.32
CA PRO B 124 30.28 6.28 -15.76
C PRO B 124 30.00 5.95 -14.31
N GLU B 125 29.29 6.80 -13.58
CA GLU B 125 28.92 6.53 -12.20
C GLU B 125 27.50 6.02 -12.04
N ASN B 126 26.76 5.85 -13.15
CA ASN B 126 25.36 5.45 -13.11
C ASN B 126 25.06 4.31 -14.05
N PHE B 127 26.09 3.68 -14.62
CA PHE B 127 25.93 2.65 -15.63
C PHE B 127 27.11 1.71 -15.51
N PHE B 128 26.85 0.41 -15.38
CA PHE B 128 27.90 -0.55 -15.08
C PHE B 128 27.73 -1.81 -15.89
N LEU B 129 28.85 -2.37 -16.33
CA LEU B 129 28.86 -3.57 -17.16
C LEU B 129 29.80 -4.60 -16.54
N LEU B 130 29.27 -5.78 -16.24
CA LEU B 130 30.09 -6.90 -15.80
C LEU B 130 30.45 -7.78 -16.97
N ARG B 131 31.49 -8.60 -16.79
CA ARG B 131 31.98 -9.50 -17.81
C ARG B 131 31.26 -10.84 -17.78
N GLY B 132 30.76 -11.27 -18.94
CA GLY B 132 30.22 -12.60 -19.11
C GLY B 132 31.21 -13.54 -19.79
N ASN B 133 30.80 -14.82 -19.89
CA ASN B 133 31.68 -15.82 -20.50
C ASN B 133 31.87 -15.57 -21.99
N HIS B 134 30.99 -14.80 -22.63
CA HIS B 134 31.14 -14.42 -24.02
C HIS B 134 31.99 -13.16 -24.23
N GLU B 135 32.34 -12.45 -23.16
CA GLU B 135 33.31 -11.35 -23.24
C GLU B 135 34.73 -11.89 -23.11
N CYS B 136 35.04 -12.83 -23.99
CA CYS B 136 36.29 -13.56 -23.94
C CYS B 136 36.66 -13.92 -25.37
N ALA B 137 37.91 -13.64 -25.75
CA ALA B 137 38.33 -13.81 -27.13
C ALA B 137 38.04 -15.23 -27.61
N SER B 138 38.34 -16.23 -26.79
CA SER B 138 38.18 -17.62 -27.21
C SER B 138 36.73 -18.04 -27.39
N ILE B 139 35.79 -17.36 -26.74
CA ILE B 139 34.38 -17.71 -26.88
C ILE B 139 33.72 -16.94 -28.02
N ASN B 140 33.89 -15.62 -28.06
CA ASN B 140 33.21 -14.84 -29.09
C ASN B 140 33.87 -14.98 -30.46
N ARG B 141 35.08 -15.57 -30.52
CA ARG B 141 35.62 -15.99 -31.79
C ARG B 141 34.71 -17.01 -32.47
N ILE B 142 34.00 -17.80 -31.68
CA ILE B 142 33.35 -19.02 -32.15
C ILE B 142 31.87 -18.80 -32.46
N TYR B 143 31.19 -17.97 -31.66
CA TYR B 143 29.73 -17.88 -31.69
C TYR B 143 29.22 -16.62 -32.40
N GLY B 144 30.05 -15.96 -33.20
CA GLY B 144 29.52 -14.98 -34.12
C GLY B 144 30.12 -13.59 -34.11
N PHE B 145 30.66 -13.16 -32.97
CA PHE B 145 31.13 -11.78 -32.85
C PHE B 145 32.28 -11.50 -33.80
N TYR B 146 33.28 -12.39 -33.82
CA TYR B 146 34.36 -12.26 -34.78
C TYR B 146 33.84 -12.17 -36.21
N ASP B 147 32.89 -13.03 -36.56
CA ASP B 147 32.33 -13.02 -37.91
C ASP B 147 31.69 -11.67 -38.24
N GLU B 148 30.99 -11.07 -37.26
CA GLU B 148 30.37 -9.77 -37.47
C GLU B 148 31.41 -8.67 -37.69
N CYS B 149 32.46 -8.65 -36.86
CA CYS B 149 33.53 -7.67 -37.05
C CYS B 149 34.21 -7.84 -38.40
N LYS B 150 34.53 -9.08 -38.77
CA LYS B 150 35.22 -9.30 -40.04
C LYS B 150 34.36 -8.85 -41.21
N ARG B 151 33.06 -9.12 -41.16
CA ARG B 151 32.16 -8.78 -42.26
C ARG B 151 31.99 -7.26 -42.38
N ARG B 152 31.70 -6.60 -41.27
CA ARG B 152 31.35 -5.17 -41.31
C ARG B 152 32.56 -4.26 -41.13
N TYR B 153 33.62 -4.74 -40.49
CA TYR B 153 34.81 -3.93 -40.28
C TYR B 153 36.06 -4.73 -40.62
N ASN B 154 36.86 -5.07 -39.61
CA ASN B 154 38.07 -5.85 -39.84
C ASN B 154 38.46 -6.59 -38.57
N ILE B 155 39.49 -7.42 -38.69
CA ILE B 155 39.93 -8.24 -37.58
C ILE B 155 40.58 -7.38 -36.51
N LYS B 156 41.29 -6.32 -36.93
CA LYS B 156 41.96 -5.44 -35.98
C LYS B 156 40.97 -4.84 -34.99
N LEU B 157 39.75 -4.56 -35.45
CA LEU B 157 38.72 -4.03 -34.55
C LEU B 157 38.30 -5.07 -33.52
N TRP B 158 38.17 -6.34 -33.94
CA TRP B 158 37.82 -7.40 -33.01
C TRP B 158 38.87 -7.54 -31.92
N LYS B 159 40.15 -7.48 -32.29
CA LYS B 159 41.20 -7.52 -31.27
C LYS B 159 41.12 -6.30 -30.35
N THR B 160 40.70 -5.15 -30.87
CA THR B 160 40.50 -3.99 -30.01
C THR B 160 39.40 -4.24 -28.99
N PHE B 161 38.31 -4.88 -29.42
CA PHE B 161 37.25 -5.25 -28.49
C PHE B 161 37.76 -6.18 -27.40
N THR B 162 38.62 -7.13 -27.77
CA THR B 162 39.17 -8.06 -26.78
C THR B 162 39.99 -7.33 -25.72
N ASP B 163 40.78 -6.34 -26.13
CA ASP B 163 41.51 -5.52 -25.16
C ASP B 163 40.55 -4.84 -24.20
N CYS B 164 39.39 -4.41 -24.69
CA CYS B 164 38.39 -3.77 -23.86
C CYS B 164 37.72 -4.77 -22.91
N PHE B 165 37.21 -5.89 -23.45
CA PHE B 165 36.52 -6.88 -22.63
C PHE B 165 37.39 -7.39 -21.49
N ASN B 166 38.70 -7.52 -21.74
CA ASN B 166 39.64 -8.03 -20.74
C ASN B 166 39.78 -7.11 -19.52
N CYS B 167 39.20 -5.91 -19.55
CA CYS B 167 39.25 -4.99 -18.44
C CYS B 167 37.92 -4.84 -17.72
N LEU B 168 36.88 -5.53 -18.16
CA LEU B 168 35.57 -5.44 -17.53
C LEU B 168 35.65 -5.94 -16.08
N PRO B 169 34.88 -5.34 -15.18
CA PRO B 169 34.78 -5.88 -13.82
C PRO B 169 34.02 -7.20 -13.81
N ILE B 170 34.20 -7.96 -12.73
CA ILE B 170 33.77 -9.34 -12.72
C ILE B 170 32.54 -9.58 -11.85
N ALA B 171 32.35 -8.80 -10.79
CA ALA B 171 31.22 -8.99 -9.90
C ALA B 171 30.83 -7.67 -9.29
N ALA B 172 29.63 -7.61 -8.75
CA ALA B 172 29.13 -6.41 -8.09
C ALA B 172 28.32 -6.82 -6.87
N ILE B 173 28.39 -6.00 -5.83
CA ILE B 173 27.60 -6.17 -4.62
C ILE B 173 26.72 -4.94 -4.44
N VAL B 174 25.41 -5.15 -4.38
CA VAL B 174 24.44 -4.06 -4.28
C VAL B 174 24.08 -3.89 -2.80
N ASP B 175 24.38 -2.71 -2.27
CA ASP B 175 24.12 -2.35 -0.86
C ASP B 175 24.51 -3.45 0.11
N GLU B 176 25.63 -4.12 -0.15
CA GLU B 176 26.18 -5.13 0.75
C GLU B 176 25.22 -6.30 1.00
N LYS B 177 24.25 -6.50 0.10
CA LYS B 177 23.24 -7.54 0.29
C LYS B 177 22.96 -8.39 -0.94
N ILE B 178 23.22 -7.91 -2.16
CA ILE B 178 22.96 -8.65 -3.38
C ILE B 178 24.29 -8.84 -4.10
N PHE B 179 24.74 -10.10 -4.21
CA PHE B 179 25.96 -10.43 -4.92
C PHE B 179 25.62 -10.77 -6.37
N CYS B 180 26.25 -10.06 -7.31
CA CYS B 180 25.92 -10.16 -8.73
C CYS B 180 27.15 -10.57 -9.52
N CYS B 181 26.97 -11.58 -10.37
CA CYS B 181 28.00 -12.01 -11.31
C CYS B 181 27.32 -12.78 -12.43
N HIS B 182 28.08 -13.06 -13.49
CA HIS B 182 27.46 -13.67 -14.66
C HIS B 182 27.09 -15.12 -14.41
N GLY B 183 28.04 -15.93 -13.95
CA GLY B 183 27.85 -17.35 -13.82
C GLY B 183 27.33 -17.81 -12.47
N GLY B 184 28.22 -17.92 -11.49
CA GLY B 184 27.82 -18.34 -10.17
C GLY B 184 28.97 -18.42 -9.17
N LEU B 185 28.83 -19.28 -8.17
CA LEU B 185 29.82 -19.39 -7.11
C LEU B 185 31.01 -20.23 -7.56
N SER B 186 32.03 -20.28 -6.71
CA SER B 186 33.24 -21.03 -6.99
C SER B 186 33.69 -21.78 -5.76
N PRO B 187 34.15 -23.02 -5.91
CA PRO B 187 34.72 -23.74 -4.76
C PRO B 187 35.99 -23.10 -4.25
N ASP B 188 36.62 -22.24 -5.03
CA ASP B 188 37.82 -21.52 -4.59
C ASP B 188 37.48 -20.20 -3.91
N LEU B 189 36.23 -19.75 -4.02
CA LEU B 189 35.81 -18.45 -3.54
C LEU B 189 35.47 -18.53 -2.06
N GLN B 190 36.37 -18.03 -1.22
CA GLN B 190 36.18 -17.99 0.22
C GLN B 190 36.05 -16.58 0.76
N SER B 191 36.78 -15.63 0.21
CA SER B 191 36.71 -14.24 0.63
C SER B 191 36.63 -13.35 -0.60
N MET B 192 35.88 -12.25 -0.48
CA MET B 192 35.78 -11.28 -1.58
C MET B 192 37.13 -10.75 -2.03
N GLU B 193 38.15 -10.78 -1.17
CA GLU B 193 39.47 -10.31 -1.55
C GLU B 193 40.04 -11.11 -2.72
N GLN B 194 39.65 -12.38 -2.87
CA GLN B 194 40.13 -13.15 -3.99
C GLN B 194 39.70 -12.55 -5.33
N ILE B 195 38.54 -11.88 -5.34
CA ILE B 195 38.09 -11.18 -6.55
C ILE B 195 38.84 -9.87 -6.73
N ARG B 196 39.00 -9.10 -5.65
CA ARG B 196 39.63 -7.78 -5.75
C ARG B 196 41.08 -7.87 -6.20
N ARG B 197 41.77 -8.95 -5.85
CA ARG B 197 43.19 -9.07 -6.19
C ARG B 197 43.42 -9.48 -7.64
N ILE B 198 42.38 -9.82 -8.38
CA ILE B 198 42.57 -10.18 -9.79
C ILE B 198 43.00 -8.93 -10.54
N MET B 199 44.17 -9.02 -11.19
CA MET B 199 44.73 -7.88 -11.91
C MET B 199 44.17 -7.84 -13.32
N ARG B 200 43.95 -6.63 -13.82
CA ARG B 200 43.46 -6.45 -15.17
C ARG B 200 44.46 -5.69 -16.00
N PRO B 201 44.50 -5.92 -17.34
CA PRO B 201 43.66 -6.84 -18.11
C PRO B 201 43.98 -8.32 -17.89
N THR B 202 42.98 -9.18 -18.05
CA THR B 202 43.13 -10.62 -17.89
C THR B 202 42.20 -11.34 -18.85
N ASP B 203 42.65 -12.49 -19.34
CA ASP B 203 41.76 -13.40 -20.04
C ASP B 203 41.01 -14.26 -19.03
N VAL B 204 40.00 -14.98 -19.53
CA VAL B 204 39.22 -15.91 -18.70
C VAL B 204 39.92 -17.26 -18.75
N PRO B 205 40.39 -17.79 -17.62
CA PRO B 205 41.11 -19.06 -17.64
C PRO B 205 40.20 -20.24 -17.94
N ASP B 206 40.84 -21.38 -18.23
CA ASP B 206 40.11 -22.61 -18.49
C ASP B 206 39.52 -23.19 -17.22
N GLN B 207 40.06 -22.81 -16.06
CA GLN B 207 39.51 -23.20 -14.77
C GLN B 207 39.99 -22.19 -13.75
N GLY B 208 39.43 -22.28 -12.55
CA GLY B 208 39.79 -21.40 -11.45
C GLY B 208 38.68 -20.43 -11.10
N LEU B 209 39.00 -19.58 -10.12
CA LEU B 209 38.03 -18.63 -9.58
C LEU B 209 37.37 -17.79 -10.67
N LEU B 210 38.18 -17.08 -11.46
CA LEU B 210 37.62 -16.20 -12.48
C LEU B 210 36.76 -16.97 -13.47
N CYS B 211 37.23 -18.13 -13.90
CA CYS B 211 36.43 -19.00 -14.76
C CYS B 211 35.09 -19.33 -14.12
N ASP B 212 35.12 -19.82 -12.88
CA ASP B 212 33.91 -20.26 -12.19
C ASP B 212 32.89 -19.14 -12.01
N LEU B 213 33.36 -17.92 -11.68
CA LEU B 213 32.46 -16.78 -11.53
C LEU B 213 31.66 -16.53 -12.79
N LEU B 214 32.20 -16.91 -13.95
CA LEU B 214 31.57 -16.65 -15.23
C LEU B 214 30.93 -17.88 -15.86
N TRP B 215 31.17 -19.09 -15.33
CA TRP B 215 30.76 -20.29 -16.02
C TRP B 215 29.88 -21.24 -15.22
N SER B 216 29.97 -21.20 -13.90
CA SER B 216 29.27 -22.21 -13.10
C SER B 216 27.76 -21.97 -13.12
N ASP B 217 27.01 -23.02 -12.82
CA ASP B 217 25.56 -23.04 -12.85
C ASP B 217 25.02 -23.69 -11.59
N PRO B 218 23.87 -23.24 -11.09
CA PRO B 218 23.20 -23.97 -10.02
C PRO B 218 22.48 -25.20 -10.55
N ASP B 219 22.30 -26.18 -9.66
CA ASP B 219 21.63 -27.43 -10.00
C ASP B 219 20.81 -27.89 -8.81
N LYS B 220 19.53 -28.18 -9.04
CA LYS B 220 18.63 -28.60 -7.96
C LYS B 220 18.97 -29.97 -7.42
N ASP B 221 19.66 -30.81 -8.20
CA ASP B 221 19.86 -32.21 -7.85
C ASP B 221 21.22 -32.49 -7.22
N VAL B 222 22.13 -31.54 -7.22
CA VAL B 222 23.46 -31.75 -6.66
C VAL B 222 23.49 -31.29 -5.22
N GLN B 223 24.18 -32.06 -4.38
CA GLN B 223 24.46 -31.68 -3.01
C GLN B 223 25.93 -31.28 -2.94
N GLY B 224 26.18 -29.99 -2.78
CA GLY B 224 27.53 -29.49 -2.79
C GLY B 224 27.94 -29.09 -4.19
N TRP B 225 29.06 -29.63 -4.65
CA TRP B 225 29.63 -29.30 -5.95
C TRP B 225 29.57 -30.51 -6.89
N GLY B 226 29.23 -30.24 -8.17
CA GLY B 226 29.14 -31.27 -9.17
C GLY B 226 29.84 -30.84 -10.45
N GLU B 227 29.92 -31.79 -11.40
CA GLU B 227 30.50 -31.49 -12.69
C GLU B 227 29.49 -30.77 -13.57
N ASN B 228 29.98 -29.83 -14.37
CA ASN B 228 29.10 -29.02 -15.21
C ASN B 228 29.03 -29.63 -16.61
N ASP B 229 27.81 -29.75 -17.13
CA ASP B 229 27.59 -30.34 -18.45
C ASP B 229 28.25 -29.56 -19.58
N ARG B 230 28.59 -28.29 -19.36
CA ARG B 230 29.25 -27.51 -20.41
C ARG B 230 30.68 -27.98 -20.66
N GLY B 231 31.23 -28.83 -19.79
CA GLY B 231 32.62 -29.21 -19.88
C GLY B 231 33.56 -28.23 -19.22
N VAL B 232 33.04 -27.19 -18.59
CA VAL B 232 33.83 -26.15 -17.93
C VAL B 232 33.18 -25.83 -16.59
N SER B 233 34.01 -25.63 -15.57
CA SER B 233 33.60 -25.17 -14.24
C SER B 233 32.72 -26.22 -13.55
N PHE B 234 31.81 -25.76 -12.69
CA PHE B 234 31.10 -26.65 -11.78
C PHE B 234 29.62 -26.31 -11.77
N THR B 235 28.87 -27.18 -11.09
CA THR B 235 27.54 -26.90 -10.61
C THR B 235 27.58 -26.83 -9.09
N PHE B 236 26.68 -26.04 -8.51
CA PHE B 236 26.59 -25.91 -7.06
C PHE B 236 25.13 -26.02 -6.64
N GLY B 237 24.90 -26.55 -5.44
CA GLY B 237 23.57 -26.82 -4.95
C GLY B 237 23.03 -25.72 -4.06
N ALA B 238 21.83 -25.98 -3.52
CA ALA B 238 21.13 -24.99 -2.70
C ALA B 238 21.83 -24.76 -1.36
N GLU B 239 22.45 -25.80 -0.79
CA GLU B 239 23.18 -25.60 0.47
C GLU B 239 24.40 -24.73 0.28
N VAL B 240 25.06 -24.85 -0.88
CA VAL B 240 26.20 -23.98 -1.18
C VAL B 240 25.75 -22.53 -1.19
N VAL B 241 24.62 -22.24 -1.83
CA VAL B 241 24.09 -20.89 -1.88
C VAL B 241 23.81 -20.38 -0.47
N ALA B 242 23.11 -21.18 0.33
CA ALA B 242 22.75 -20.76 1.69
C ALA B 242 24.00 -20.51 2.53
N LYS B 243 24.98 -21.41 2.46
CA LYS B 243 26.20 -21.25 3.23
C LYS B 243 26.95 -19.99 2.80
N PHE B 244 27.01 -19.73 1.49
CA PHE B 244 27.72 -18.56 0.99
C PHE B 244 27.08 -17.26 1.49
N LEU B 245 25.75 -17.17 1.42
CA LEU B 245 25.07 -15.94 1.84
C LEU B 245 25.33 -15.67 3.32
N HIS B 246 25.19 -16.68 4.16
CA HIS B 246 25.36 -16.50 5.59
C HIS B 246 26.80 -16.10 5.93
N LYS B 247 27.78 -16.69 5.26
CA LYS B 247 29.18 -16.39 5.57
C LYS B 247 29.49 -14.92 5.31
N HIS B 248 28.98 -14.37 4.23
CA HIS B 248 29.29 -13.00 3.83
C HIS B 248 28.15 -12.04 4.18
N ASP B 249 27.18 -12.51 4.97
CA ASP B 249 26.08 -11.69 5.44
C ASP B 249 25.33 -11.03 4.28
N LEU B 250 25.06 -11.82 3.24
CA LEU B 250 24.32 -11.37 2.07
C LEU B 250 22.90 -11.95 2.10
N ASP B 251 22.02 -11.35 1.30
CA ASP B 251 20.62 -11.74 1.23
C ASP B 251 20.23 -12.41 -0.08
N LEU B 252 20.95 -12.15 -1.18
CA LEU B 252 20.51 -12.63 -2.48
C LEU B 252 21.70 -12.75 -3.42
N ILE B 253 21.73 -13.83 -4.20
CA ILE B 253 22.63 -13.97 -5.34
C ILE B 253 21.83 -13.68 -6.60
N CYS B 254 22.37 -12.79 -7.44
CA CYS B 254 21.75 -12.42 -8.71
C CYS B 254 22.72 -12.76 -9.84
N ARG B 255 22.30 -13.64 -10.75
CA ARG B 255 23.17 -14.10 -11.83
C ARG B 255 22.34 -14.32 -13.09
N ALA B 256 23.03 -14.71 -14.17
CA ALA B 256 22.41 -14.82 -15.49
C ALA B 256 22.78 -16.14 -16.16
N HIS B 257 23.25 -16.06 -17.42
CA HIS B 257 24.00 -17.12 -18.07
C HIS B 257 23.15 -18.28 -18.59
N GLN B 258 21.93 -18.45 -18.06
CA GLN B 258 21.06 -19.55 -18.50
C GLN B 258 19.70 -19.01 -18.92
N VAL B 259 19.17 -19.57 -20.01
CA VAL B 259 17.84 -19.23 -20.48
C VAL B 259 16.80 -19.72 -19.49
N VAL B 260 15.83 -18.87 -19.16
CA VAL B 260 14.73 -19.22 -18.27
C VAL B 260 13.43 -18.73 -18.90
N GLU B 261 12.39 -19.56 -18.80
CA GLU B 261 11.16 -19.33 -19.56
C GLU B 261 10.51 -18.00 -19.22
N ASP B 262 10.44 -17.67 -17.94
CA ASP B 262 9.77 -16.45 -17.50
C ASP B 262 10.67 -15.23 -17.48
N GLY B 263 11.96 -15.39 -17.82
CA GLY B 263 12.91 -14.31 -17.77
C GLY B 263 13.65 -14.23 -16.46
N TYR B 264 13.05 -14.71 -15.38
CA TYR B 264 13.70 -14.90 -14.09
C TYR B 264 13.34 -16.28 -13.58
N GLU B 265 14.18 -16.81 -12.70
CA GLU B 265 13.93 -18.12 -12.11
C GLU B 265 14.65 -18.24 -10.79
N PHE B 266 13.91 -18.57 -9.74
CA PHE B 266 14.49 -18.64 -8.41
C PHE B 266 15.12 -20.00 -8.16
N PHE B 267 16.08 -20.01 -7.25
CA PHE B 267 16.81 -21.20 -6.85
C PHE B 267 17.11 -21.10 -5.36
N ALA B 268 17.25 -22.26 -4.72
CA ALA B 268 17.57 -22.33 -3.30
C ALA B 268 16.54 -21.54 -2.50
N LYS B 269 15.29 -21.98 -2.62
CA LYS B 269 14.13 -21.21 -2.16
C LYS B 269 14.09 -19.92 -2.95
N ARG B 270 14.45 -18.80 -2.32
CA ARG B 270 14.52 -17.52 -3.01
C ARG B 270 15.85 -16.84 -2.76
N GLN B 271 16.90 -17.63 -2.47
CA GLN B 271 18.21 -17.10 -2.15
C GLN B 271 19.03 -16.77 -3.40
N LEU B 272 18.63 -17.29 -4.55
CA LEU B 272 19.31 -17.01 -5.82
C LEU B 272 18.26 -16.74 -6.88
N VAL B 273 18.56 -15.80 -7.77
CA VAL B 273 17.70 -15.51 -8.91
C VAL B 273 18.54 -15.52 -10.19
N THR B 274 18.04 -16.18 -11.22
CA THR B 274 18.66 -16.16 -12.53
C THR B 274 17.89 -15.19 -13.41
N LEU B 275 18.61 -14.30 -14.08
CA LEU B 275 18.02 -13.33 -14.98
C LEU B 275 18.46 -13.60 -16.41
N PHE B 276 17.53 -13.40 -17.35
CA PHE B 276 17.83 -13.54 -18.77
C PHE B 276 17.01 -12.49 -19.50
N SER B 277 17.67 -11.65 -20.30
CA SER B 277 17.03 -10.47 -20.87
C SER B 277 16.97 -10.52 -22.40
N ALA B 278 17.14 -11.68 -23.02
CA ALA B 278 17.07 -11.81 -24.47
C ALA B 278 15.82 -12.59 -24.86
N PRO B 279 14.72 -11.93 -25.23
CA PRO B 279 13.50 -12.65 -25.59
C PRO B 279 13.67 -13.43 -26.88
N ASN B 280 12.96 -14.56 -26.96
CA ASN B 280 13.02 -15.49 -28.10
C ASN B 280 14.47 -15.74 -28.52
N TYR B 281 15.26 -16.20 -27.54
CA TYR B 281 16.70 -16.36 -27.67
C TYR B 281 17.09 -17.02 -28.99
N CYS B 282 17.84 -16.27 -29.80
CA CYS B 282 18.23 -16.61 -31.18
C CYS B 282 17.14 -17.34 -31.95
N GLY B 283 15.88 -16.96 -31.72
CA GLY B 283 14.75 -17.51 -32.47
C GLY B 283 14.55 -19.00 -32.28
N GLU B 284 15.21 -19.56 -31.25
CA GLU B 284 15.15 -20.99 -30.97
C GLU B 284 14.38 -21.31 -29.71
N PHE B 285 14.12 -20.31 -28.86
CA PHE B 285 13.36 -20.48 -27.64
C PHE B 285 12.17 -19.52 -27.68
N ASP B 286 11.18 -19.79 -26.82
CA ASP B 286 10.03 -18.92 -26.64
C ASP B 286 10.05 -18.25 -25.28
N ASN B 287 11.25 -17.90 -24.81
CA ASN B 287 11.41 -17.32 -23.49
C ASN B 287 11.11 -15.82 -23.50
N ALA B 288 10.67 -15.32 -22.36
CA ALA B 288 10.61 -13.89 -22.12
C ALA B 288 11.93 -13.40 -21.52
N GLY B 289 12.12 -12.09 -21.58
CA GLY B 289 13.21 -11.44 -20.89
C GLY B 289 12.74 -10.77 -19.62
N ALA B 290 13.69 -10.51 -18.71
CA ALA B 290 13.36 -9.83 -17.48
C ALA B 290 14.56 -9.03 -16.99
N MET B 291 14.27 -7.97 -16.25
CA MET B 291 15.26 -7.26 -15.45
C MET B 291 14.71 -7.07 -14.04
N MET B 292 15.63 -6.93 -13.08
CA MET B 292 15.28 -6.82 -11.68
C MET B 292 15.48 -5.37 -11.24
N SER B 293 14.41 -4.75 -10.73
CA SER B 293 14.51 -3.41 -10.19
C SER B 293 14.75 -3.50 -8.69
N VAL B 294 15.70 -2.69 -8.21
CA VAL B 294 15.99 -2.57 -6.78
C VAL B 294 15.78 -1.11 -6.41
N ASP B 295 14.84 -0.86 -5.50
CA ASP B 295 14.62 0.50 -5.04
C ASP B 295 15.46 0.77 -3.80
N GLU B 296 15.39 2.00 -3.27
CA GLU B 296 16.28 2.41 -2.19
C GLU B 296 16.08 1.59 -0.93
N THR B 297 14.91 0.96 -0.77
CA THR B 297 14.65 0.07 0.36
C THR B 297 15.08 -1.37 0.09
N LEU B 298 15.69 -1.64 -1.07
CA LEU B 298 16.11 -2.97 -1.50
C LEU B 298 14.91 -3.90 -1.74
N MET B 299 13.77 -3.35 -2.10
CA MET B 299 12.64 -4.16 -2.55
C MET B 299 12.88 -4.58 -3.98
N CYS B 300 12.85 -5.88 -4.24
CA CYS B 300 13.13 -6.42 -5.57
C CYS B 300 11.86 -6.82 -6.27
N SER B 301 11.69 -6.31 -7.48
CA SER B 301 10.55 -6.62 -8.34
C SER B 301 11.09 -6.90 -9.72
N PHE B 302 10.29 -7.58 -10.54
CA PHE B 302 10.73 -7.99 -11.87
C PHE B 302 9.85 -7.35 -12.93
N GLN B 303 10.48 -6.94 -14.02
CA GLN B 303 9.80 -6.39 -15.18
C GLN B 303 10.08 -7.31 -16.36
N ILE B 304 9.04 -7.69 -17.10
CA ILE B 304 9.12 -8.74 -18.12
C ILE B 304 8.98 -8.11 -19.51
N LEU B 305 9.83 -8.57 -20.44
CA LEU B 305 9.76 -8.18 -21.85
C LEU B 305 9.42 -9.39 -22.71
N LYS B 306 8.18 -9.45 -23.19
CA LYS B 306 7.74 -10.58 -24.00
C LYS B 306 7.47 -10.11 -25.41
N PRO B 307 8.03 -10.78 -26.43
CA PRO B 307 7.75 -10.49 -27.85
C PRO B 307 6.28 -10.53 -28.20
N ARG B 326 -13.31 -7.34 -19.52
CA ARG B 326 -14.26 -7.91 -20.47
C ARG B 326 -13.54 -8.67 -21.59
N PRO B 327 -13.71 -9.99 -21.63
CA PRO B 327 -13.15 -10.77 -22.74
C PRO B 327 -13.71 -10.34 -24.09
N ILE B 328 -12.96 -10.68 -25.15
CA ILE B 328 -13.33 -10.31 -26.51
C ILE B 328 -14.64 -10.99 -26.87
N THR B 329 -15.69 -10.20 -27.05
CA THR B 329 -16.96 -10.77 -27.49
C THR B 329 -16.77 -11.44 -28.85
N PRO B 330 -17.26 -12.66 -29.03
CA PRO B 330 -17.03 -13.38 -30.29
C PRO B 330 -17.77 -12.71 -31.45
N PRO B 331 -17.40 -13.02 -32.69
CA PRO B 331 -18.09 -12.42 -33.84
C PRO B 331 -19.54 -12.90 -33.99
N ARG B 332 -20.19 -12.54 -35.08
CA ARG B 332 -21.59 -12.88 -35.30
C ARG B 332 -21.84 -13.17 -36.78
N ASN B 333 -22.86 -13.98 -37.05
CA ASN B 333 -23.26 -14.34 -38.41
C ASN B 333 -24.64 -13.79 -38.75
N SER B 334 -24.92 -12.58 -38.28
CA SER B 334 -26.17 -11.86 -38.54
C SER B 334 -26.01 -10.45 -38.00
N ALA B 335 -26.89 -9.56 -38.45
CA ALA B 335 -26.75 -8.15 -38.12
C ALA B 335 -28.00 -7.41 -38.57
N LYS B 336 -28.15 -6.18 -38.06
CA LYS B 336 -29.35 -5.40 -38.31
C LYS B 336 -29.04 -3.92 -38.54
N ALA B 337 -29.97 -3.05 -38.14
CA ALA B 337 -29.81 -1.61 -38.28
C ALA B 337 -30.70 -0.87 -37.29
N ARG C 22 18.43 -4.14 4.42
CA ARG C 22 17.78 -5.44 4.29
C ARG C 22 17.21 -5.61 2.88
N ALA C 23 17.34 -6.80 2.30
CA ALA C 23 16.86 -7.06 0.95
C ALA C 23 15.60 -7.92 1.00
N ARG C 24 14.63 -7.58 0.14
CA ARG C 24 13.34 -8.25 0.12
C ARG C 24 12.94 -8.54 -1.32
N LEU C 25 11.84 -9.27 -1.48
CA LEU C 25 11.23 -9.47 -2.79
C LEU C 25 9.83 -8.87 -2.81
N ASN C 26 9.41 -8.47 -4.00
CA ASN C 26 8.05 -7.98 -4.20
C ASN C 26 7.05 -9.02 -3.71
N PRO C 27 5.96 -8.59 -3.07
CA PRO C 27 4.98 -9.59 -2.60
C PRO C 27 4.32 -10.35 -3.72
N LEU C 28 4.05 -9.69 -4.85
CA LEU C 28 3.55 -10.39 -6.02
C LEU C 28 4.53 -11.45 -6.51
N VAL C 29 5.82 -11.14 -6.46
CA VAL C 29 6.83 -12.12 -6.85
C VAL C 29 6.81 -13.31 -5.90
N LEU C 30 6.68 -13.04 -4.59
CA LEU C 30 6.58 -14.14 -3.64
C LEU C 30 5.30 -14.92 -3.84
N LEU C 31 4.19 -14.23 -4.12
CA LEU C 31 2.90 -14.87 -4.24
C LEU C 31 2.88 -15.84 -5.42
N LEU C 32 3.32 -15.36 -6.58
CA LEU C 32 3.34 -16.21 -7.77
C LEU C 32 4.28 -17.39 -7.57
N ASP C 33 5.44 -17.15 -6.94
CA ASP C 33 6.38 -18.22 -6.69
C ASP C 33 5.85 -19.21 -5.66
N ALA C 34 5.24 -18.70 -4.59
CA ALA C 34 4.71 -19.59 -3.56
C ALA C 34 3.58 -20.46 -4.09
N ALA C 35 2.76 -19.94 -5.01
CA ALA C 35 1.68 -20.73 -5.55
C ALA C 35 2.20 -21.83 -6.46
N LEU C 36 3.37 -21.63 -7.07
CA LEU C 36 3.93 -22.65 -7.95
C LEU C 36 4.60 -23.76 -7.15
N THR C 37 5.25 -23.42 -6.03
CA THR C 37 5.96 -24.41 -5.24
C THR C 37 5.07 -25.05 -4.17
N GLY C 38 4.10 -24.32 -3.65
CA GLY C 38 3.16 -24.86 -2.69
C GLY C 38 3.32 -24.32 -1.27
N GLU C 39 3.91 -23.14 -1.10
CA GLU C 39 4.10 -22.55 0.23
C GLU C 39 2.82 -21.80 0.59
N LEU C 40 1.90 -22.51 1.25
CA LEU C 40 0.61 -21.91 1.59
C LEU C 40 0.78 -20.67 2.47
N GLU C 41 1.53 -20.79 3.57
CA GLU C 41 1.69 -19.65 4.47
C GLU C 41 2.31 -18.45 3.76
N VAL C 42 3.24 -18.69 2.83
CA VAL C 42 3.81 -17.59 2.04
C VAL C 42 2.73 -16.97 1.16
N VAL C 43 1.91 -17.81 0.51
CA VAL C 43 0.77 -17.30 -0.24
C VAL C 43 -0.14 -16.49 0.67
N GLN C 44 -0.44 -17.03 1.85
CA GLN C 44 -1.30 -16.35 2.82
C GLN C 44 -0.71 -15.00 3.22
N GLN C 45 0.61 -14.94 3.43
CA GLN C 45 1.24 -13.69 3.81
C GLN C 45 1.16 -12.67 2.68
N ALA C 46 1.56 -13.06 1.47
CA ALA C 46 1.51 -12.16 0.32
C ALA C 46 0.09 -11.65 0.10
N VAL C 47 -0.90 -12.55 0.11
CA VAL C 47 -2.28 -12.15 -0.13
C VAL C 47 -2.74 -11.13 0.90
N LYS C 48 -2.35 -11.33 2.16
CA LYS C 48 -2.75 -10.39 3.21
C LYS C 48 -2.05 -9.04 3.03
N GLU C 49 -0.80 -9.06 2.57
CA GLU C 49 -0.04 -7.83 2.42
C GLU C 49 -0.52 -7.01 1.22
N MET C 50 -0.63 -7.65 0.07
CA MET C 50 -1.14 -6.96 -1.10
C MET C 50 -2.66 -6.85 -1.02
N ASN C 51 -3.23 -5.97 -1.85
CA ASN C 51 -4.66 -5.72 -1.76
C ASN C 51 -5.48 -6.75 -2.51
N ASP C 52 -4.94 -7.33 -3.59
CA ASP C 52 -5.70 -8.22 -4.47
C ASP C 52 -4.97 -9.54 -4.65
N PRO C 53 -5.54 -10.67 -4.22
CA PRO C 53 -4.91 -11.96 -4.49
C PRO C 53 -4.91 -12.36 -5.96
N SER C 54 -5.67 -11.65 -6.80
CA SER C 54 -5.78 -11.95 -8.22
C SER C 54 -4.81 -11.13 -9.06
N GLN C 55 -3.83 -10.51 -8.42
CA GLN C 55 -2.85 -9.68 -9.11
C GLN C 55 -2.05 -10.49 -10.13
N PRO C 56 -2.11 -10.16 -11.42
CA PRO C 56 -1.27 -10.82 -12.41
C PRO C 56 0.02 -10.07 -12.66
N ASN C 57 1.01 -10.79 -13.19
CA ASN C 57 2.26 -10.14 -13.56
C ASN C 57 2.15 -9.63 -14.99
N GLU C 58 3.29 -9.26 -15.58
CA GLU C 58 3.30 -8.74 -16.94
C GLU C 58 2.86 -9.77 -17.98
N GLU C 59 2.87 -11.05 -17.63
CA GLU C 59 2.44 -12.10 -18.55
C GLU C 59 0.98 -12.47 -18.37
N GLY C 60 0.27 -11.80 -17.47
CA GLY C 60 -1.09 -12.18 -17.15
C GLY C 60 -1.20 -13.39 -16.24
N ILE C 61 -0.07 -13.93 -15.77
CA ILE C 61 -0.09 -15.10 -14.90
C ILE C 61 -0.44 -14.66 -13.48
N THR C 62 -1.43 -15.31 -12.90
CA THR C 62 -1.92 -15.02 -11.57
C THR C 62 -1.52 -16.12 -10.60
N ALA C 63 -1.72 -15.84 -9.31
CA ALA C 63 -1.40 -16.82 -8.28
C ALA C 63 -2.14 -18.14 -8.53
N LEU C 64 -3.42 -18.04 -8.90
CA LEU C 64 -4.23 -19.23 -9.13
C LEU C 64 -3.67 -20.08 -10.26
N HIS C 65 -3.14 -19.45 -11.31
CA HIS C 65 -2.53 -20.20 -12.41
C HIS C 65 -1.39 -21.08 -11.92
N ASN C 66 -0.48 -20.50 -11.13
CA ASN C 66 0.66 -21.26 -10.63
C ASN C 66 0.24 -22.37 -9.70
N ALA C 67 -0.82 -22.13 -8.92
CA ALA C 67 -1.32 -23.14 -8.00
C ALA C 67 -1.88 -24.34 -8.74
N ILE C 68 -2.60 -24.10 -9.83
CA ILE C 68 -3.17 -25.21 -10.61
C ILE C 68 -2.07 -26.03 -11.28
N CYS C 69 -1.15 -25.34 -11.97
CA CYS C 69 -0.06 -26.04 -12.64
C CYS C 69 0.83 -26.78 -11.65
N GLY C 70 0.95 -26.26 -10.43
CA GLY C 70 1.74 -26.90 -9.40
C GLY C 70 1.04 -28.00 -8.64
N ALA C 71 -0.25 -28.22 -8.92
CA ALA C 71 -1.05 -29.27 -8.27
C ALA C 71 -1.09 -29.06 -6.76
N ASN C 72 -1.15 -27.80 -6.34
CA ASN C 72 -1.18 -27.44 -4.93
C ASN C 72 -2.64 -27.16 -4.55
N TYR C 73 -3.39 -28.26 -4.37
CA TYR C 73 -4.81 -28.18 -4.03
C TYR C 73 -5.05 -27.26 -2.84
N SER C 74 -4.16 -27.28 -1.85
CA SER C 74 -4.33 -26.45 -0.67
C SER C 74 -4.36 -24.96 -1.04
N ILE C 75 -3.44 -24.54 -1.92
CA ILE C 75 -3.36 -23.15 -2.32
C ILE C 75 -4.51 -22.78 -3.24
N VAL C 76 -4.94 -23.71 -4.11
CA VAL C 76 -6.06 -23.45 -5.01
C VAL C 76 -7.32 -23.13 -4.22
N ASP C 77 -7.65 -23.99 -3.24
CA ASP C 77 -8.84 -23.76 -2.43
C ASP C 77 -8.78 -22.43 -1.69
N PHE C 78 -7.63 -22.11 -1.09
CA PHE C 78 -7.49 -20.86 -0.38
C PHE C 78 -7.77 -19.67 -1.29
N LEU C 79 -7.16 -19.64 -2.48
CA LEU C 79 -7.32 -18.52 -3.39
C LEU C 79 -8.77 -18.36 -3.84
N ILE C 80 -9.45 -19.48 -4.15
CA ILE C 80 -10.85 -19.40 -4.59
C ILE C 80 -11.73 -18.84 -3.47
N THR C 81 -11.60 -19.40 -2.26
CA THR C 81 -12.38 -18.90 -1.13
C THR C 81 -12.09 -17.44 -0.85
N ALA C 82 -10.84 -17.02 -1.03
CA ALA C 82 -10.47 -15.62 -0.81
C ALA C 82 -10.97 -14.70 -1.91
N GLY C 83 -11.60 -15.21 -2.95
CA GLY C 83 -12.18 -14.37 -3.98
C GLY C 83 -11.31 -14.14 -5.20
N ALA C 84 -10.31 -14.98 -5.42
CA ALA C 84 -9.44 -14.85 -6.58
C ALA C 84 -10.23 -15.05 -7.87
N ASN C 85 -10.00 -14.15 -8.83
CA ASN C 85 -10.67 -14.19 -10.12
C ASN C 85 -10.41 -15.53 -10.80
N VAL C 86 -11.42 -16.39 -10.84
CA VAL C 86 -11.31 -17.73 -11.40
C VAL C 86 -11.27 -17.67 -12.92
N ASN C 87 -11.35 -16.47 -13.50
CA ASN C 87 -11.39 -16.32 -14.95
C ASN C 87 -10.29 -15.44 -15.54
N SER C 88 -9.36 -14.94 -14.75
CA SER C 88 -8.32 -14.07 -15.29
C SER C 88 -7.47 -14.81 -16.31
N PRO C 89 -7.42 -14.36 -17.57
CA PRO C 89 -6.60 -15.02 -18.58
C PRO C 89 -5.17 -14.51 -18.63
N ASP C 90 -4.26 -15.43 -18.99
CA ASP C 90 -2.86 -15.06 -19.15
C ASP C 90 -2.61 -14.50 -20.54
N SER C 91 -1.34 -14.19 -20.83
CA SER C 91 -0.96 -13.63 -22.12
C SER C 91 -1.45 -14.45 -23.31
N HIS C 92 -1.60 -15.77 -23.14
CA HIS C 92 -2.07 -16.66 -24.20
C HIS C 92 -3.58 -16.86 -24.19
N GLY C 93 -4.30 -16.21 -23.27
CA GLY C 93 -5.73 -16.39 -23.17
C GLY C 93 -6.14 -17.58 -22.32
N TRP C 94 -5.21 -18.19 -21.58
CA TRP C 94 -5.54 -19.35 -20.78
C TRP C 94 -6.12 -18.92 -19.43
N THR C 95 -7.30 -19.42 -19.12
CA THR C 95 -7.93 -19.19 -17.83
C THR C 95 -7.57 -20.31 -16.88
N PRO C 96 -7.87 -20.17 -15.59
CA PRO C 96 -7.61 -21.28 -14.66
C PRO C 96 -8.30 -22.57 -15.07
N LEU C 97 -9.45 -22.49 -15.75
CA LEU C 97 -10.12 -23.70 -16.21
C LEU C 97 -9.31 -24.41 -17.30
N HIS C 98 -8.61 -23.65 -18.15
CA HIS C 98 -7.77 -24.26 -19.17
C HIS C 98 -6.63 -25.05 -18.56
N CYS C 99 -6.00 -24.52 -17.52
CA CYS C 99 -4.87 -25.21 -16.89
C CYS C 99 -5.29 -26.48 -16.19
N ALA C 100 -6.42 -26.45 -15.47
CA ALA C 100 -6.91 -27.65 -14.81
C ALA C 100 -7.27 -28.73 -15.83
N ALA C 101 -7.85 -28.34 -16.97
CA ALA C 101 -8.21 -29.30 -18.00
C ALA C 101 -6.97 -29.88 -18.67
N SER C 102 -5.97 -29.05 -18.97
CA SER C 102 -4.74 -29.55 -19.57
C SER C 102 -3.97 -30.46 -18.61
N CYS C 103 -4.26 -30.39 -17.32
CA CYS C 103 -3.66 -31.28 -16.33
C CYS C 103 -4.57 -32.42 -15.93
N ASN C 104 -5.76 -32.51 -16.55
CA ASN C 104 -6.75 -33.55 -16.25
C ASN C 104 -7.14 -33.57 -14.77
N ASP C 105 -7.03 -32.42 -14.11
CA ASP C 105 -7.33 -32.31 -12.69
C ASP C 105 -8.83 -32.05 -12.54
N THR C 106 -9.60 -33.14 -12.47
CA THR C 106 -11.05 -33.02 -12.33
C THR C 106 -11.43 -32.25 -11.08
N VAL C 107 -10.72 -32.48 -9.97
CA VAL C 107 -11.04 -31.82 -8.71
C VAL C 107 -11.00 -30.30 -8.87
N ILE C 108 -9.94 -29.79 -9.52
CA ILE C 108 -9.82 -28.34 -9.69
C ILE C 108 -10.91 -27.82 -10.63
N CYS C 109 -11.16 -28.52 -11.73
CA CYS C 109 -12.22 -28.13 -12.66
C CYS C 109 -13.55 -27.96 -11.94
N MET C 110 -13.90 -28.91 -11.08
CA MET C 110 -15.15 -28.81 -10.33
C MET C 110 -15.18 -27.56 -9.47
N ALA C 111 -14.10 -27.31 -8.73
CA ALA C 111 -14.06 -26.13 -7.85
C ALA C 111 -14.21 -24.84 -8.65
N LEU C 112 -13.56 -24.75 -9.82
CA LEU C 112 -13.63 -23.53 -10.62
C LEU C 112 -15.02 -23.35 -11.22
N VAL C 113 -15.56 -24.41 -11.83
CA VAL C 113 -16.88 -24.33 -12.45
C VAL C 113 -17.92 -23.92 -11.41
N GLN C 114 -17.84 -24.51 -10.22
CA GLN C 114 -18.78 -24.22 -9.14
C GLN C 114 -18.57 -22.84 -8.53
N HIS C 115 -17.53 -22.10 -8.92
CA HIS C 115 -17.30 -20.77 -8.37
C HIS C 115 -17.17 -19.74 -9.47
N GLY C 116 -17.82 -19.97 -10.60
CA GLY C 116 -17.91 -18.99 -11.66
C GLY C 116 -16.94 -19.11 -12.82
N ALA C 117 -16.43 -20.31 -13.12
CA ALA C 117 -15.56 -20.44 -14.27
C ALA C 117 -16.37 -20.40 -15.56
N ALA C 118 -15.83 -19.69 -16.56
CA ALA C 118 -16.46 -19.56 -17.87
C ALA C 118 -16.17 -20.82 -18.66
N ILE C 119 -17.16 -21.71 -18.76
CA ILE C 119 -16.97 -23.00 -19.40
C ILE C 119 -16.51 -22.84 -20.84
N PHE C 120 -17.09 -21.88 -21.57
CA PHE C 120 -16.85 -21.71 -23.00
C PHE C 120 -15.78 -20.67 -23.32
N ALA C 121 -14.98 -20.29 -22.34
CA ALA C 121 -13.87 -19.39 -22.62
C ALA C 121 -12.89 -20.05 -23.58
N THR C 122 -12.34 -19.27 -24.50
CA THR C 122 -11.41 -19.79 -25.51
C THR C 122 -10.09 -19.05 -25.44
N THR C 123 -9.02 -19.75 -25.81
CA THR C 123 -7.68 -19.21 -25.83
C THR C 123 -7.47 -18.30 -27.05
N LEU C 124 -6.44 -17.47 -26.99
CA LEU C 124 -6.10 -16.62 -28.13
C LEU C 124 -5.61 -17.45 -29.31
N SER C 125 -4.75 -18.44 -29.04
CA SER C 125 -4.30 -19.36 -30.07
C SER C 125 -5.34 -20.47 -30.27
N ASP C 126 -5.47 -20.91 -31.52
CA ASP C 126 -6.39 -21.96 -32.00
C ASP C 126 -7.80 -21.92 -31.41
N GLY C 127 -8.11 -20.92 -30.58
CA GLY C 127 -9.46 -20.71 -30.07
C GLY C 127 -10.15 -21.93 -29.52
N ALA C 128 -9.44 -22.74 -28.74
CA ALA C 128 -10.03 -23.93 -28.14
C ALA C 128 -10.59 -23.63 -26.76
N THR C 129 -11.55 -24.46 -26.33
CA THR C 129 -12.14 -24.34 -25.01
C THR C 129 -11.38 -25.23 -24.02
N ALA C 130 -11.76 -25.13 -22.75
CA ALA C 130 -11.13 -25.96 -21.73
C ALA C 130 -11.29 -27.44 -22.03
N PHE C 131 -12.49 -27.84 -22.48
CA PHE C 131 -12.75 -29.23 -22.83
C PHE C 131 -11.73 -29.74 -23.84
N GLU C 132 -11.44 -28.94 -24.86
CA GLU C 132 -10.49 -29.34 -25.89
C GLU C 132 -9.06 -29.40 -25.39
N LYS C 133 -8.78 -28.87 -24.20
CA LYS C 133 -7.43 -28.87 -23.66
C LYS C 133 -7.14 -30.08 -22.78
N CYS C 134 -8.11 -30.96 -22.59
CA CYS C 134 -7.85 -32.20 -21.86
C CYS C 134 -6.72 -32.98 -22.52
N ASP C 135 -5.81 -33.49 -21.70
CA ASP C 135 -4.61 -34.14 -22.19
C ASP C 135 -4.83 -35.65 -22.28
N PRO C 136 -4.97 -36.22 -23.48
CA PRO C 136 -5.13 -37.67 -23.59
C PRO C 136 -3.88 -38.46 -23.24
N TYR C 137 -2.76 -37.80 -22.96
CA TYR C 137 -1.51 -38.46 -22.64
C TYR C 137 -1.31 -38.68 -21.13
N ARG C 138 -2.09 -38.02 -20.29
CA ARG C 138 -2.01 -38.20 -18.85
C ARG C 138 -3.21 -39.01 -18.36
N GLU C 139 -3.03 -39.65 -17.21
CA GLU C 139 -4.11 -40.40 -16.60
C GLU C 139 -5.20 -39.44 -16.13
N GLY C 140 -6.42 -39.94 -16.06
CA GLY C 140 -7.55 -39.12 -15.69
C GLY C 140 -8.19 -38.36 -16.82
N TYR C 141 -7.72 -38.57 -18.07
CA TYR C 141 -8.30 -37.89 -19.22
C TYR C 141 -9.78 -38.19 -19.35
N ALA C 142 -10.12 -39.49 -19.42
CA ALA C 142 -11.51 -39.88 -19.57
C ALA C 142 -12.38 -39.32 -18.45
N ASP C 143 -11.90 -39.41 -17.21
CA ASP C 143 -12.64 -38.88 -16.07
C ASP C 143 -12.82 -37.38 -16.19
N CYS C 144 -11.77 -36.67 -16.63
CA CYS C 144 -11.83 -35.21 -16.74
C CYS C 144 -12.70 -34.79 -17.94
N ALA C 145 -12.50 -35.42 -19.09
CA ALA C 145 -13.23 -35.05 -20.30
C ALA C 145 -14.75 -35.19 -20.13
N THR C 146 -15.19 -36.31 -19.54
CA THR C 146 -16.63 -36.56 -19.37
C THR C 146 -17.29 -35.47 -18.55
N TYR C 147 -16.63 -35.01 -17.48
CA TYR C 147 -17.22 -33.96 -16.66
C TYR C 147 -17.38 -32.67 -17.45
N LEU C 148 -16.33 -32.22 -18.14
CA LEU C 148 -16.41 -30.98 -18.90
C LEU C 148 -17.40 -31.08 -20.05
N ALA C 149 -17.45 -32.24 -20.71
CA ALA C 149 -18.40 -32.43 -21.81
C ALA C 149 -19.84 -32.37 -21.30
N ASP C 150 -20.12 -32.98 -20.15
CA ASP C 150 -21.46 -32.91 -19.57
C ASP C 150 -21.80 -31.50 -19.10
N VAL C 151 -20.80 -30.77 -18.60
CA VAL C 151 -21.02 -29.39 -18.17
C VAL C 151 -21.38 -28.51 -19.37
N GLU C 152 -20.65 -28.67 -20.48
CA GLU C 152 -20.96 -27.88 -21.67
C GLU C 152 -22.38 -28.16 -22.15
N GLN C 153 -22.79 -29.43 -22.17
CA GLN C 153 -24.13 -29.76 -22.62
C GLN C 153 -25.19 -29.39 -21.59
N SER C 154 -24.83 -29.33 -20.30
CA SER C 154 -25.82 -29.01 -19.28
C SER C 154 -26.11 -27.52 -19.19
N MET C 155 -25.27 -26.65 -19.75
CA MET C 155 -25.51 -25.22 -19.71
C MET C 155 -26.63 -24.87 -20.69
N GLY C 156 -27.68 -24.25 -20.18
CA GLY C 156 -28.87 -23.97 -20.97
C GLY C 156 -29.89 -25.07 -20.93
N LEU C 157 -29.66 -26.13 -20.15
CA LEU C 157 -30.56 -27.25 -20.01
C LEU C 157 -30.76 -27.51 -18.52
N MET C 158 -29.66 -27.63 -17.80
CA MET C 158 -29.68 -27.82 -16.36
C MET C 158 -30.00 -26.48 -15.67
N ASN C 159 -30.48 -26.57 -14.43
CA ASN C 159 -30.85 -25.40 -13.63
C ASN C 159 -31.86 -24.51 -14.36
N SER C 160 -32.83 -25.15 -15.02
CA SER C 160 -33.89 -24.47 -15.76
C SER C 160 -33.34 -23.59 -16.89
N GLY C 161 -32.14 -23.93 -17.39
CA GLY C 161 -31.55 -23.18 -18.45
C GLY C 161 -30.90 -21.88 -18.03
N ALA C 162 -30.82 -21.62 -16.73
CA ALA C 162 -30.28 -20.37 -16.22
C ALA C 162 -28.77 -20.44 -16.07
N VAL C 163 -28.09 -19.38 -16.53
CA VAL C 163 -26.65 -19.23 -16.42
C VAL C 163 -26.38 -17.86 -15.81
N TYR C 164 -25.23 -17.72 -15.19
CA TYR C 164 -24.86 -16.51 -14.47
C TYR C 164 -23.83 -15.72 -15.26
N ALA C 165 -24.10 -14.43 -15.44
CA ALA C 165 -23.16 -13.55 -16.14
C ALA C 165 -21.93 -13.27 -15.28
N LEU C 166 -20.76 -13.30 -15.93
CA LEU C 166 -19.49 -13.10 -15.25
C LEU C 166 -18.86 -11.73 -15.54
N TRP C 167 -19.44 -10.95 -16.45
CA TRP C 167 -18.94 -9.62 -16.78
C TRP C 167 -20.10 -8.79 -17.32
N ASP C 168 -19.94 -7.47 -17.29
CA ASP C 168 -20.94 -6.58 -17.88
C ASP C 168 -20.85 -6.62 -19.41
N TYR C 169 -22.00 -6.45 -20.05
CA TYR C 169 -22.04 -6.38 -21.52
C TYR C 169 -23.12 -5.40 -21.95
N SER C 170 -22.73 -4.46 -22.81
CA SER C 170 -23.64 -3.49 -23.42
C SER C 170 -23.86 -3.89 -24.87
N ALA C 171 -25.12 -4.16 -25.22
CA ALA C 171 -25.45 -4.66 -26.55
C ALA C 171 -24.85 -3.80 -27.64
N GLU C 172 -24.33 -4.46 -28.68
CA GLU C 172 -23.74 -3.81 -29.83
C GLU C 172 -24.67 -3.74 -31.03
N PHE C 173 -25.78 -4.48 -31.00
CA PHE C 173 -26.78 -4.45 -32.06
C PHE C 173 -28.15 -4.56 -31.42
N GLY C 174 -29.16 -4.12 -32.16
CA GLY C 174 -30.52 -4.16 -31.64
C GLY C 174 -30.98 -5.55 -31.28
N ASP C 175 -30.47 -6.57 -31.97
CA ASP C 175 -30.83 -7.96 -31.71
C ASP C 175 -30.01 -8.59 -30.58
N GLU C 176 -29.25 -7.80 -29.83
CA GLU C 176 -28.46 -8.31 -28.72
C GLU C 176 -29.07 -7.88 -27.40
N LEU C 177 -28.64 -8.54 -26.33
CA LEU C 177 -29.16 -8.31 -24.99
C LEU C 177 -28.08 -7.69 -24.11
N SER C 178 -28.46 -6.68 -23.34
CA SER C 178 -27.58 -6.04 -22.40
C SER C 178 -27.81 -6.64 -21.01
N PHE C 179 -26.73 -6.75 -20.22
CA PHE C 179 -26.83 -7.32 -18.89
C PHE C 179 -25.66 -6.86 -18.06
N ARG C 180 -25.83 -6.91 -16.74
CA ARG C 180 -24.81 -6.54 -15.78
C ARG C 180 -24.21 -7.81 -15.19
N GLU C 181 -23.01 -7.67 -14.62
CA GLU C 181 -22.31 -8.80 -14.01
C GLU C 181 -23.11 -9.33 -12.82
N GLY C 182 -23.25 -10.65 -12.75
CA GLY C 182 -23.95 -11.28 -11.66
C GLY C 182 -25.40 -11.59 -11.93
N GLU C 183 -25.96 -11.09 -13.04
CA GLU C 183 -27.38 -11.33 -13.32
C GLU C 183 -27.59 -12.75 -13.84
N SER C 184 -28.75 -13.30 -13.52
CA SER C 184 -29.11 -14.64 -13.99
C SER C 184 -29.85 -14.49 -15.30
N VAL C 185 -29.40 -15.22 -16.32
CA VAL C 185 -29.96 -15.13 -17.66
C VAL C 185 -30.43 -16.52 -18.08
N THR C 186 -31.63 -16.59 -18.65
CA THR C 186 -32.22 -17.85 -19.08
C THR C 186 -31.93 -18.09 -20.57
N VAL C 187 -31.34 -19.23 -20.88
CA VAL C 187 -30.99 -19.58 -22.26
C VAL C 187 -32.19 -20.24 -22.92
N LEU C 188 -32.73 -19.60 -23.95
CA LEU C 188 -33.89 -20.10 -24.65
C LEU C 188 -33.52 -21.04 -25.80
N ARG C 189 -32.65 -20.59 -26.70
CA ARG C 189 -32.21 -21.38 -27.84
C ARG C 189 -30.70 -21.55 -27.74
N ARG C 190 -30.23 -22.78 -27.50
CA ARG C 190 -28.80 -23.05 -27.40
C ARG C 190 -28.23 -23.27 -28.80
N ASP C 191 -28.59 -24.40 -29.40
CA ASP C 191 -28.03 -24.83 -30.69
C ASP C 191 -28.63 -24.10 -31.88
N GLY C 192 -28.87 -22.79 -31.73
CA GLY C 192 -29.35 -21.99 -32.83
C GLY C 192 -28.40 -22.00 -34.01
N PRO C 193 -28.88 -22.43 -35.18
CA PRO C 193 -27.99 -22.52 -36.34
C PRO C 193 -27.48 -21.17 -36.83
N GLU C 194 -28.28 -20.11 -36.75
CA GLU C 194 -27.83 -18.82 -37.25
C GLU C 194 -26.72 -18.21 -36.40
N GLU C 195 -26.50 -18.71 -35.18
CA GLU C 195 -25.43 -18.20 -34.32
C GLU C 195 -24.92 -19.34 -33.45
N THR C 196 -23.71 -19.83 -33.74
CA THR C 196 -23.14 -20.95 -33.00
C THR C 196 -22.39 -20.54 -31.73
N ASP C 197 -21.97 -19.28 -31.61
CA ASP C 197 -21.24 -18.82 -30.44
C ASP C 197 -22.06 -17.90 -29.54
N TRP C 198 -23.35 -17.72 -29.83
CA TRP C 198 -24.24 -16.91 -29.03
C TRP C 198 -25.52 -17.69 -28.75
N TRP C 199 -26.22 -17.29 -27.69
CA TRP C 199 -27.45 -17.94 -27.29
C TRP C 199 -28.59 -16.92 -27.21
N TRP C 200 -29.78 -17.37 -27.59
CA TRP C 200 -30.97 -16.55 -27.44
C TRP C 200 -31.43 -16.63 -26.00
N ALA C 201 -31.54 -15.48 -25.35
CA ALA C 201 -31.76 -15.45 -23.91
C ALA C 201 -32.84 -14.43 -23.56
N ALA C 202 -33.23 -14.44 -22.30
CA ALA C 202 -34.26 -13.55 -21.77
C ALA C 202 -33.78 -12.96 -20.45
N LEU C 203 -33.97 -11.65 -20.29
CA LEU C 203 -33.59 -10.95 -19.07
C LEU C 203 -34.62 -9.85 -18.80
N HIS C 204 -35.37 -10.00 -17.71
CA HIS C 204 -36.36 -9.00 -17.29
C HIS C 204 -37.34 -8.68 -18.42
N GLY C 205 -37.83 -9.73 -19.09
CA GLY C 205 -38.78 -9.57 -20.16
C GLY C 205 -38.17 -9.26 -21.50
N GLN C 206 -36.90 -8.86 -21.56
CA GLN C 206 -36.22 -8.57 -22.81
C GLN C 206 -35.57 -9.85 -23.33
N GLU C 207 -35.65 -10.06 -24.64
CA GLU C 207 -35.03 -11.21 -25.27
C GLU C 207 -33.98 -10.72 -26.27
N GLY C 208 -32.86 -11.44 -26.34
CA GLY C 208 -31.79 -11.06 -27.24
C GLY C 208 -30.64 -12.05 -27.13
N TYR C 209 -29.68 -11.88 -28.03
CA TYR C 209 -28.52 -12.75 -28.08
C TYR C 209 -27.49 -12.35 -27.03
N VAL C 210 -26.80 -13.35 -26.48
CA VAL C 210 -25.76 -13.13 -25.47
C VAL C 210 -24.57 -14.02 -25.79
N PRO C 211 -23.34 -13.57 -25.55
CA PRO C 211 -22.17 -14.40 -25.88
C PRO C 211 -21.98 -15.54 -24.89
N ARG C 212 -21.72 -16.75 -25.42
CA ARG C 212 -21.54 -17.93 -24.57
C ARG C 212 -20.44 -17.72 -23.53
N ASN C 213 -19.31 -17.17 -23.95
CA ASN C 213 -18.11 -17.10 -23.11
C ASN C 213 -18.22 -16.07 -22.00
N TYR C 214 -19.34 -15.37 -21.87
CA TYR C 214 -19.54 -14.38 -20.82
C TYR C 214 -20.27 -14.94 -19.60
N PHE C 215 -20.65 -16.21 -19.63
CA PHE C 215 -21.48 -16.80 -18.58
C PHE C 215 -20.80 -18.01 -17.95
N GLY C 216 -21.14 -18.24 -16.67
CA GLY C 216 -20.72 -19.41 -15.95
C GLY C 216 -21.94 -20.14 -15.39
N LEU C 217 -21.71 -21.37 -14.95
CA LEU C 217 -22.79 -22.18 -14.40
C LEU C 217 -23.13 -21.77 -12.98
N PHE C 218 -22.21 -21.12 -12.28
CA PHE C 218 -22.41 -20.62 -10.93
C PHE C 218 -21.86 -19.20 -10.84
N PRO C 219 -22.27 -18.42 -9.84
CA PRO C 219 -21.77 -17.06 -9.71
C PRO C 219 -20.42 -16.99 -9.02
N ARG C 220 -19.78 -15.83 -9.16
CA ARG C 220 -18.48 -15.56 -8.55
C ARG C 220 -18.54 -15.60 -7.02
N VAL C 221 -17.35 -15.56 -6.42
CA VAL C 221 -17.19 -15.52 -4.97
C VAL C 221 -16.98 -14.07 -4.55
N LYS C 222 -17.92 -13.55 -3.77
CA LYS C 222 -17.84 -12.16 -3.32
C LYS C 222 -17.78 -12.08 -1.80
N ARG D 8 1.84 17.56 -9.90
CA ARG D 8 1.29 16.33 -10.47
C ARG D 8 -0.12 16.10 -9.98
N SER D 9 -1.07 16.02 -10.93
CA SER D 9 -2.49 16.08 -10.63
C SER D 9 -2.94 14.89 -9.77
N VAL D 10 -4.22 14.91 -9.42
CA VAL D 10 -4.80 13.96 -8.47
C VAL D 10 -6.16 13.52 -9.02
N LEU D 11 -6.70 14.30 -9.94
CA LEU D 11 -8.00 13.98 -10.53
C LEU D 11 -7.85 12.89 -11.57
N ARG D 12 -8.56 11.78 -11.39
CA ARG D 12 -8.67 10.75 -12.42
C ARG D 12 -9.47 11.27 -13.60
N ARG D 22 -7.04 -1.59 -0.27
CA ARG D 22 -7.88 -1.42 0.92
C ARG D 22 -7.33 -0.31 1.82
N ALA D 23 -8.23 0.42 2.47
CA ALA D 23 -7.91 1.57 3.30
C ALA D 23 -7.89 1.18 4.77
N ARG D 24 -6.99 1.82 5.52
CA ARG D 24 -6.74 1.49 6.90
C ARG D 24 -6.78 2.76 7.73
N LEU D 25 -6.65 2.58 9.04
CA LEU D 25 -6.46 3.67 9.99
C LEU D 25 -5.10 3.52 10.64
N ASN D 26 -4.58 4.62 11.16
CA ASN D 26 -3.37 4.57 11.95
C ASN D 26 -3.50 3.49 13.01
N PRO D 27 -2.46 2.69 13.28
CA PRO D 27 -2.61 1.65 14.30
C PRO D 27 -2.85 2.22 15.69
N LEU D 28 -2.23 3.35 16.00
CA LEU D 28 -2.51 4.04 17.26
C LEU D 28 -3.97 4.45 17.35
N VAL D 29 -4.55 4.90 16.24
CA VAL D 29 -5.97 5.26 16.25
C VAL D 29 -6.84 4.03 16.48
N LEU D 30 -6.49 2.90 15.85
CA LEU D 30 -7.27 1.69 16.07
C LEU D 30 -7.18 1.23 17.52
N LEU D 31 -5.97 1.32 18.10
CA LEU D 31 -5.76 0.82 19.45
C LEU D 31 -6.59 1.60 20.47
N LEU D 32 -6.52 2.92 20.42
CA LEU D 32 -7.23 3.75 21.40
C LEU D 32 -8.74 3.59 21.26
N ASP D 33 -9.26 3.53 20.03
CA ASP D 33 -10.69 3.35 19.85
C ASP D 33 -11.13 1.95 20.24
N ALA D 34 -10.36 0.92 19.86
CA ALA D 34 -10.73 -0.45 20.19
C ALA D 34 -10.68 -0.71 21.70
N ALA D 35 -9.76 -0.06 22.41
CA ALA D 35 -9.68 -0.27 23.85
C ALA D 35 -10.87 0.35 24.57
N LEU D 36 -11.44 1.42 24.01
CA LEU D 36 -12.58 2.07 24.64
C LEU D 36 -13.88 1.32 24.36
N THR D 37 -14.04 0.77 23.16
CA THR D 37 -15.28 0.09 22.80
C THR D 37 -15.30 -1.39 23.14
N GLY D 38 -14.15 -2.07 23.15
CA GLY D 38 -14.08 -3.43 23.58
C GLY D 38 -13.81 -4.50 22.52
N GLU D 39 -13.23 -4.15 21.37
CA GLU D 39 -12.89 -5.12 20.35
C GLU D 39 -11.49 -5.67 20.63
N LEU D 40 -11.44 -6.77 21.38
CA LEU D 40 -10.18 -7.36 21.80
C LEU D 40 -9.29 -7.74 20.61
N GLU D 41 -9.84 -8.49 19.66
CA GLU D 41 -9.04 -8.95 18.52
C GLU D 41 -8.44 -7.78 17.75
N VAL D 42 -9.19 -6.68 17.63
CA VAL D 42 -8.66 -5.49 16.98
C VAL D 42 -7.48 -4.92 17.76
N VAL D 43 -7.61 -4.83 19.09
CA VAL D 43 -6.49 -4.40 19.92
C VAL D 43 -5.27 -5.29 19.69
N GLN D 44 -5.50 -6.61 19.67
CA GLN D 44 -4.40 -7.54 19.45
C GLN D 44 -3.73 -7.29 18.10
N GLN D 45 -4.52 -6.99 17.06
CA GLN D 45 -3.96 -6.71 15.75
C GLN D 45 -3.15 -5.41 15.76
N ALA D 46 -3.72 -4.34 16.30
CA ALA D 46 -3.00 -3.07 16.38
C ALA D 46 -1.70 -3.20 17.15
N VAL D 47 -1.73 -3.91 18.29
CA VAL D 47 -0.54 -4.06 19.13
C VAL D 47 0.59 -4.71 18.34
N LYS D 48 0.27 -5.68 17.49
CA LYS D 48 1.32 -6.34 16.70
C LYS D 48 1.94 -5.40 15.69
N GLU D 49 1.14 -4.52 15.08
CA GLU D 49 1.67 -3.62 14.05
C GLU D 49 2.53 -2.50 14.64
N MET D 50 2.03 -1.82 15.67
CA MET D 50 2.82 -0.76 16.29
C MET D 50 3.91 -1.34 17.18
N ASN D 51 4.89 -0.50 17.49
CA ASN D 51 6.06 -0.93 18.26
C ASN D 51 5.86 -0.88 19.77
N ASP D 52 5.05 0.04 20.28
CA ASP D 52 4.87 0.24 21.71
C ASP D 52 3.39 0.24 22.05
N PRO D 53 2.90 -0.72 22.84
CA PRO D 53 1.48 -0.70 23.25
C PRO D 53 1.14 0.44 24.19
N SER D 54 2.12 1.14 24.77
CA SER D 54 1.88 2.24 25.67
C SER D 54 1.94 3.59 24.97
N GLN D 55 1.93 3.59 23.65
CA GLN D 55 1.99 4.81 22.84
C GLN D 55 0.83 5.74 23.13
N PRO D 56 1.08 6.97 23.58
CA PRO D 56 0.01 7.94 23.77
C PRO D 56 -0.16 8.82 22.53
N ASN D 57 -1.36 9.41 22.41
CA ASN D 57 -1.67 10.30 21.30
C ASN D 57 -1.27 11.74 21.64
N GLU D 58 -1.75 12.69 20.84
CA GLU D 58 -1.45 14.10 21.08
C GLU D 58 -2.07 14.62 22.37
N GLU D 59 -3.09 13.95 22.89
CA GLU D 59 -3.78 14.38 24.10
C GLU D 59 -3.28 13.69 25.36
N GLY D 60 -2.22 12.88 25.25
CA GLY D 60 -1.73 12.12 26.38
C GLY D 60 -2.53 10.89 26.73
N ILE D 61 -3.56 10.56 25.94
CA ILE D 61 -4.41 9.41 26.21
C ILE D 61 -3.71 8.14 25.75
N THR D 62 -3.65 7.14 26.63
CA THR D 62 -3.02 5.86 26.33
C THR D 62 -4.10 4.78 26.22
N ALA D 63 -3.70 3.63 25.65
CA ALA D 63 -4.64 2.52 25.48
C ALA D 63 -5.24 2.07 26.80
N LEU D 64 -4.41 1.94 27.84
CA LEU D 64 -4.89 1.42 29.12
C LEU D 64 -5.92 2.36 29.75
N HIS D 65 -5.72 3.67 29.62
CA HIS D 65 -6.68 4.63 30.18
C HIS D 65 -8.07 4.43 29.59
N ASN D 66 -8.15 4.29 28.27
CA ASN D 66 -9.46 4.11 27.63
C ASN D 66 -10.10 2.81 28.07
N ALA D 67 -9.29 1.77 28.26
CA ALA D 67 -9.84 0.49 28.70
C ALA D 67 -10.41 0.59 30.11
N ILE D 68 -9.75 1.33 30.99
CA ILE D 68 -10.23 1.50 32.35
C ILE D 68 -11.55 2.28 32.36
N CYS D 69 -11.57 3.43 31.68
CA CYS D 69 -12.78 4.24 31.63
C CYS D 69 -13.92 3.48 30.95
N GLY D 70 -13.60 2.61 29.99
CA GLY D 70 -14.60 1.80 29.33
C GLY D 70 -14.98 0.52 30.05
N ALA D 71 -14.29 0.22 31.16
CA ALA D 71 -14.59 -0.97 31.96
C ALA D 71 -14.44 -2.25 31.14
N ASN D 72 -13.43 -2.28 30.27
CA ASN D 72 -13.18 -3.43 29.40
C ASN D 72 -12.09 -4.30 30.01
N TYR D 73 -12.50 -5.08 31.02
CA TYR D 73 -11.59 -5.95 31.76
C TYR D 73 -10.73 -6.82 30.85
N SER D 74 -11.32 -7.34 29.77
CA SER D 74 -10.57 -8.20 28.86
C SER D 74 -9.39 -7.45 28.23
N ILE D 75 -9.61 -6.21 27.82
CA ILE D 75 -8.56 -5.44 27.16
C ILE D 75 -7.50 -5.01 28.17
N VAL D 76 -7.91 -4.69 29.40
CA VAL D 76 -6.96 -4.27 30.43
C VAL D 76 -5.95 -5.37 30.71
N ASP D 77 -6.44 -6.59 30.94
CA ASP D 77 -5.54 -7.70 31.22
C ASP D 77 -4.57 -7.93 30.06
N PHE D 78 -5.07 -7.88 28.83
CA PHE D 78 -4.20 -8.08 27.67
C PHE D 78 -3.08 -7.03 27.62
N LEU D 79 -3.44 -5.76 27.77
CA LEU D 79 -2.44 -4.69 27.66
C LEU D 79 -1.40 -4.80 28.77
N ILE D 80 -1.83 -5.11 29.98
CA ILE D 80 -0.88 -5.29 31.07
C ILE D 80 0.06 -6.45 30.75
N THR D 81 -0.52 -7.58 30.32
CA THR D 81 0.29 -8.73 29.93
C THR D 81 1.24 -8.37 28.79
N ALA D 82 0.80 -7.51 27.88
CA ALA D 82 1.64 -7.07 26.77
C ALA D 82 2.70 -6.06 27.19
N GLY D 83 2.72 -5.64 28.44
CA GLY D 83 3.75 -4.75 28.93
C GLY D 83 3.42 -3.28 28.95
N ALA D 84 2.14 -2.92 28.90
CA ALA D 84 1.76 -1.52 28.95
C ALA D 84 2.17 -0.89 30.27
N ASN D 85 2.79 0.30 30.20
CA ASN D 85 3.26 1.02 31.38
C ASN D 85 2.10 1.30 32.31
N VAL D 86 2.02 0.55 33.41
CA VAL D 86 0.93 0.68 34.38
C VAL D 86 1.06 1.92 35.24
N ASN D 87 2.13 2.70 35.04
CA ASN D 87 2.37 3.90 35.85
C ASN D 87 2.47 5.19 35.06
N SER D 88 2.29 5.15 33.74
CA SER D 88 2.37 6.37 32.94
C SER D 88 1.29 7.35 33.37
N PRO D 89 1.64 8.55 33.84
CA PRO D 89 0.62 9.53 34.19
C PRO D 89 0.21 10.39 32.99
N ASP D 90 -1.07 10.74 32.94
CA ASP D 90 -1.57 11.55 31.84
C ASP D 90 -1.31 13.03 32.10
N SER D 91 -1.79 13.88 31.17
CA SER D 91 -1.60 15.33 31.30
C SER D 91 -2.06 15.87 32.65
N HIS D 92 -3.05 15.23 33.27
CA HIS D 92 -3.55 15.65 34.57
C HIS D 92 -2.84 14.97 35.73
N GLY D 93 -1.86 14.11 35.45
CA GLY D 93 -1.15 13.38 36.48
C GLY D 93 -1.83 12.13 36.96
N TRP D 94 -2.91 11.71 36.30
CA TRP D 94 -3.64 10.52 36.71
C TRP D 94 -2.98 9.27 36.13
N THR D 95 -2.64 8.33 36.99
CA THR D 95 -2.10 7.06 36.58
C THR D 95 -3.23 6.07 36.35
N PRO D 96 -2.95 4.92 35.74
CA PRO D 96 -4.04 3.94 35.54
C PRO D 96 -4.73 3.55 36.84
N LEU D 97 -4.01 3.53 37.96
CA LEU D 97 -4.64 3.21 39.23
C LEU D 97 -5.62 4.30 39.65
N HIS D 98 -5.29 5.56 39.35
CA HIS D 98 -6.18 6.67 39.69
C HIS D 98 -7.51 6.58 38.94
N CYS D 99 -7.46 6.25 37.65
CA CYS D 99 -8.70 6.13 36.87
C CYS D 99 -9.53 4.95 37.34
N ALA D 100 -8.88 3.82 37.63
CA ALA D 100 -9.60 2.67 38.15
C ALA D 100 -10.25 2.98 39.49
N ALA D 101 -9.59 3.77 40.34
CA ALA D 101 -10.15 4.15 41.63
C ALA D 101 -11.34 5.08 41.48
N SER D 102 -11.25 6.06 40.57
CA SER D 102 -12.35 6.98 40.35
C SER D 102 -13.60 6.27 39.80
N CYS D 103 -13.43 5.08 39.22
CA CYS D 103 -14.54 4.28 38.72
C CYS D 103 -14.94 3.17 39.69
N ASN D 104 -14.30 3.08 40.86
CA ASN D 104 -14.57 2.05 41.85
C ASN D 104 -14.42 0.64 41.27
N ASP D 105 -13.56 0.51 40.26
CA ASP D 105 -13.34 -0.76 39.57
C ASP D 105 -12.26 -1.54 40.31
N THR D 106 -12.69 -2.34 41.29
CA THR D 106 -11.77 -3.15 42.07
C THR D 106 -10.97 -4.13 41.20
N VAL D 107 -11.64 -4.77 40.23
CA VAL D 107 -10.99 -5.78 39.41
C VAL D 107 -9.77 -5.20 38.70
N ILE D 108 -9.90 -3.99 38.14
CA ILE D 108 -8.78 -3.35 37.47
C ILE D 108 -7.69 -3.00 38.46
N CYS D 109 -8.07 -2.45 39.62
CA CYS D 109 -7.12 -2.13 40.67
C CYS D 109 -6.27 -3.35 41.03
N MET D 110 -6.93 -4.51 41.20
CA MET D 110 -6.21 -5.73 41.49
C MET D 110 -5.22 -6.07 40.38
N ALA D 111 -5.69 -6.02 39.12
CA ALA D 111 -4.81 -6.30 38.00
C ALA D 111 -3.63 -5.34 37.96
N LEU D 112 -3.89 -4.07 38.25
CA LEU D 112 -2.80 -3.09 38.25
C LEU D 112 -1.86 -3.31 39.42
N VAL D 113 -2.41 -3.45 40.63
CA VAL D 113 -1.58 -3.66 41.81
C VAL D 113 -0.75 -4.93 41.65
N GLN D 114 -1.37 -6.01 41.17
CA GLN D 114 -0.67 -7.28 41.00
C GLN D 114 0.32 -7.25 39.84
N HIS D 115 0.39 -6.18 39.05
CA HIS D 115 1.31 -6.13 37.93
C HIS D 115 2.15 -4.85 37.92
N GLY D 116 2.49 -4.32 39.09
CA GLY D 116 3.43 -3.23 39.19
C GLY D 116 2.88 -1.83 39.33
N ALA D 117 1.66 -1.66 39.85
CA ALA D 117 1.13 -0.33 40.06
C ALA D 117 1.81 0.30 41.27
N ALA D 118 2.13 1.58 41.17
CA ALA D 118 2.73 2.33 42.26
C ALA D 118 1.61 2.69 43.22
N ILE D 119 1.49 1.92 44.30
CA ILE D 119 0.40 2.11 45.25
C ILE D 119 0.37 3.53 45.79
N PHE D 120 1.54 4.07 46.10
CA PHE D 120 1.64 5.39 46.73
C PHE D 120 1.88 6.50 45.71
N ALA D 121 1.65 6.23 44.43
CA ALA D 121 1.75 7.27 43.42
C ALA D 121 0.70 8.34 43.67
N THR D 122 1.08 9.60 43.44
CA THR D 122 0.21 10.74 43.67
C THR D 122 0.07 11.54 42.38
N THR D 123 -1.08 12.20 42.24
CA THR D 123 -1.33 13.02 41.07
C THR D 123 -0.54 14.32 41.14
N LEU D 124 -0.38 14.96 39.98
CA LEU D 124 0.32 16.25 39.95
C LEU D 124 -0.49 17.33 40.65
N SER D 125 -1.81 17.36 40.41
CA SER D 125 -2.68 18.27 41.14
C SER D 125 -3.03 17.65 42.50
N ASP D 126 -3.14 18.52 43.51
CA ASP D 126 -3.45 18.17 44.91
C ASP D 126 -2.73 16.94 45.46
N GLY D 127 -1.87 16.31 44.67
CA GLY D 127 -1.02 15.21 45.13
C GLY D 127 -1.73 14.13 45.92
N ALA D 128 -2.90 13.70 45.47
CA ALA D 128 -3.63 12.65 46.16
C ALA D 128 -3.28 11.28 45.58
N THR D 129 -3.49 10.24 46.40
CA THR D 129 -3.25 8.88 45.97
C THR D 129 -4.53 8.27 45.38
N ALA D 130 -4.39 7.07 44.83
CA ALA D 130 -5.53 6.40 44.20
C ALA D 130 -6.66 6.15 45.20
N PHE D 131 -6.32 5.73 46.41
CA PHE D 131 -7.35 5.46 47.42
C PHE D 131 -8.27 6.66 47.61
N GLU D 132 -7.70 7.86 47.65
CA GLU D 132 -8.48 9.07 47.88
C GLU D 132 -9.38 9.45 46.71
N LYS D 133 -9.21 8.83 45.54
CA LYS D 133 -10.01 9.13 44.36
C LYS D 133 -11.23 8.24 44.21
N CYS D 134 -11.43 7.27 45.11
CA CYS D 134 -12.64 6.47 45.07
C CYS D 134 -13.87 7.36 45.23
N ASP D 135 -14.88 7.11 44.40
CA ASP D 135 -16.07 7.97 44.36
C ASP D 135 -17.14 7.39 45.27
N PRO D 136 -17.40 8.00 46.43
CA PRO D 136 -18.45 7.46 47.33
C PRO D 136 -19.85 7.60 46.79
N TYR D 137 -20.03 8.29 45.66
CA TYR D 137 -21.34 8.48 45.05
C TYR D 137 -21.68 7.39 44.03
N ARG D 138 -20.70 6.59 43.62
CA ARG D 138 -20.90 5.51 42.67
C ARG D 138 -20.90 4.17 43.41
N GLU D 139 -21.57 3.19 42.79
CA GLU D 139 -21.62 1.85 43.37
C GLU D 139 -20.25 1.17 43.29
N GLY D 140 -20.01 0.25 44.22
CA GLY D 140 -18.75 -0.45 44.30
C GLY D 140 -17.67 0.26 45.10
N TYR D 141 -18.01 1.39 45.72
CA TYR D 141 -17.03 2.16 46.51
C TYR D 141 -16.43 1.32 47.64
N ALA D 142 -17.29 0.74 48.48
CA ALA D 142 -16.81 -0.02 49.63
C ALA D 142 -15.85 -1.13 49.22
N ASP D 143 -16.20 -1.88 48.18
CA ASP D 143 -15.33 -2.95 47.72
C ASP D 143 -13.99 -2.41 47.21
N CYS D 144 -14.02 -1.30 46.47
CA CYS D 144 -12.78 -0.74 45.93
C CYS D 144 -11.95 -0.06 47.02
N ALA D 145 -12.59 0.74 47.86
CA ALA D 145 -11.85 1.43 48.92
C ALA D 145 -11.17 0.44 49.86
N THR D 146 -11.89 -0.62 50.26
CA THR D 146 -11.33 -1.60 51.18
C THR D 146 -10.09 -2.26 50.59
N TYR D 147 -10.11 -2.59 49.30
CA TYR D 147 -8.95 -3.19 48.66
C TYR D 147 -7.77 -2.22 48.65
N LEU D 148 -8.00 -0.99 48.21
CA LEU D 148 -6.92 -0.01 48.14
C LEU D 148 -6.41 0.34 49.53
N ALA D 149 -7.31 0.45 50.50
CA ALA D 149 -6.88 0.75 51.86
C ALA D 149 -6.01 -0.37 52.44
N ASP D 150 -6.40 -1.62 52.19
CA ASP D 150 -5.58 -2.73 52.67
C ASP D 150 -4.28 -2.87 51.89
N VAL D 151 -4.29 -2.57 50.59
CA VAL D 151 -3.07 -2.66 49.80
C VAL D 151 -2.04 -1.65 50.29
N GLU D 152 -2.47 -0.42 50.55
CA GLU D 152 -1.55 0.58 51.09
C GLU D 152 -0.96 0.11 52.42
N GLN D 153 -1.79 -0.49 53.26
CA GLN D 153 -1.31 -0.94 54.56
C GLN D 153 -0.44 -2.20 54.46
N SER D 154 -0.63 -3.01 53.41
CA SER D 154 0.09 -4.27 53.29
C SER D 154 1.51 -4.15 52.73
N MET D 155 1.88 -3.03 52.10
CA MET D 155 3.23 -2.90 51.54
C MET D 155 4.25 -2.74 52.65
N GLY D 156 5.25 -3.62 52.66
CA GLY D 156 6.20 -3.69 53.75
C GLY D 156 5.79 -4.65 54.84
N LEU D 157 4.68 -5.35 54.63
CA LEU D 157 4.11 -6.29 55.58
C LEU D 157 3.84 -7.59 54.83
N MET D 158 3.19 -7.47 53.67
CA MET D 158 2.87 -8.62 52.85
C MET D 158 4.13 -9.15 52.16
N ASN D 159 4.07 -10.44 51.80
CA ASN D 159 5.18 -11.14 51.15
C ASN D 159 6.46 -10.99 51.96
N SER D 160 6.33 -11.10 53.28
CA SER D 160 7.46 -10.96 54.21
C SER D 160 8.11 -9.59 54.12
N GLY D 161 7.33 -8.58 53.75
CA GLY D 161 7.82 -7.23 53.64
C GLY D 161 8.55 -6.88 52.36
N ALA D 162 8.53 -7.77 51.37
CA ALA D 162 9.27 -7.53 50.13
C ALA D 162 8.42 -6.73 49.14
N VAL D 163 9.04 -5.72 48.53
CA VAL D 163 8.43 -4.88 47.51
C VAL D 163 9.37 -4.79 46.32
N TYR D 164 8.82 -4.48 45.16
CA TYR D 164 9.56 -4.43 43.92
C TYR D 164 9.72 -2.99 43.43
N ALA D 165 10.95 -2.63 43.07
CA ALA D 165 11.24 -1.29 42.54
C ALA D 165 10.71 -1.12 41.12
N LEU D 166 10.13 0.05 40.85
CA LEU D 166 9.52 0.35 39.56
C LEU D 166 10.32 1.35 38.72
N TRP D 167 11.38 1.94 39.26
CA TRP D 167 12.21 2.89 38.55
C TRP D 167 13.62 2.84 39.10
N ASP D 168 14.57 3.35 38.30
CA ASP D 168 15.93 3.49 38.79
C ASP D 168 15.97 4.65 39.77
N TYR D 169 16.84 4.53 40.77
CA TYR D 169 17.01 5.61 41.73
C TYR D 169 18.46 5.70 42.16
N SER D 170 19.02 6.90 42.09
CA SER D 170 20.36 7.19 42.58
C SER D 170 20.21 7.96 43.88
N ALA D 171 20.74 7.39 44.96
CA ALA D 171 20.60 7.98 46.29
C ALA D 171 20.99 9.45 46.29
N GLU D 172 20.22 10.25 47.01
CA GLU D 172 20.48 11.67 47.15
C GLU D 172 21.17 12.00 48.46
N PHE D 173 21.24 11.06 49.39
CA PHE D 173 21.93 11.23 50.66
C PHE D 173 22.59 9.91 51.03
N GLY D 174 23.62 10.00 51.88
CA GLY D 174 24.33 8.81 52.29
C GLY D 174 23.46 7.81 53.02
N ASP D 175 22.43 8.28 53.73
CA ASP D 175 21.53 7.40 54.47
C ASP D 175 20.44 6.82 53.59
N GLU D 176 20.55 6.98 52.27
CA GLU D 176 19.57 6.47 51.33
C GLU D 176 20.15 5.29 50.56
N LEU D 177 19.26 4.52 49.94
CA LEU D 177 19.63 3.33 49.22
C LEU D 177 19.37 3.50 47.73
N SER D 178 20.34 3.06 46.91
CA SER D 178 20.23 3.10 45.47
C SER D 178 19.75 1.76 44.93
N PHE D 179 18.97 1.79 43.86
CA PHE D 179 18.42 0.56 43.30
C PHE D 179 18.00 0.77 41.86
N ARG D 180 17.95 -0.33 41.12
CA ARG D 180 17.53 -0.38 39.73
C ARG D 180 16.13 -0.96 39.61
N GLU D 181 15.51 -0.71 38.45
CA GLU D 181 14.16 -1.19 38.20
C GLU D 181 14.11 -2.71 38.19
N GLY D 182 13.12 -3.26 38.87
CA GLY D 182 12.89 -4.68 38.93
C GLY D 182 13.48 -5.40 40.14
N GLU D 183 14.34 -4.72 40.91
CA GLU D 183 14.97 -5.37 42.04
C GLU D 183 14.00 -5.48 43.22
N SER D 184 14.17 -6.55 44.00
CA SER D 184 13.33 -6.78 45.17
C SER D 184 13.99 -6.17 46.39
N VAL D 185 13.23 -5.37 47.12
CA VAL D 185 13.73 -4.66 48.29
C VAL D 185 12.87 -5.03 49.49
N THR D 186 13.50 -5.33 50.61
CA THR D 186 12.82 -5.72 51.84
C THR D 186 12.62 -4.52 52.75
N VAL D 187 11.37 -4.28 53.15
CA VAL D 187 11.01 -3.14 54.01
C VAL D 187 11.14 -3.58 55.46
N LEU D 188 12.08 -2.97 56.20
CA LEU D 188 12.33 -3.31 57.59
C LEU D 188 11.50 -2.48 58.57
N ARG D 189 11.60 -1.15 58.48
CA ARG D 189 10.89 -0.25 59.39
C ARG D 189 9.99 0.67 58.58
N ARG D 190 8.67 0.50 58.72
CA ARG D 190 7.68 1.28 57.97
C ARG D 190 7.34 2.60 58.65
N ASP D 191 6.67 2.53 59.80
CA ASP D 191 6.11 3.71 60.47
C ASP D 191 7.14 4.56 61.18
N GLY D 192 8.34 4.71 60.60
CA GLY D 192 9.34 5.58 61.17
C GLY D 192 8.84 7.01 61.26
N PRO D 193 8.81 7.56 62.48
CA PRO D 193 8.27 8.93 62.63
C PRO D 193 9.11 10.00 61.97
N GLU D 194 10.44 9.83 61.92
CA GLU D 194 11.29 10.86 61.32
C GLU D 194 11.12 10.97 59.81
N GLU D 195 10.50 9.98 59.16
CA GLU D 195 10.28 10.04 57.72
C GLU D 195 8.98 9.31 57.40
N THR D 196 7.95 10.08 57.05
CA THR D 196 6.63 9.51 56.76
C THR D 196 6.45 9.07 55.32
N ASP D 197 7.28 9.54 54.39
CA ASP D 197 7.16 9.18 52.98
C ASP D 197 8.29 8.26 52.51
N TRP D 198 9.14 7.78 53.41
CA TRP D 198 10.22 6.88 53.08
C TRP D 198 10.20 5.70 54.04
N TRP D 199 10.80 4.59 53.63
CA TRP D 199 10.87 3.38 54.42
C TRP D 199 12.32 2.96 54.60
N TRP D 200 12.63 2.43 55.78
CA TRP D 200 13.94 1.83 56.01
C TRP D 200 13.92 0.44 55.41
N ALA D 201 14.85 0.16 54.52
CA ALA D 201 14.80 -1.05 53.73
C ALA D 201 16.18 -1.70 53.66
N ALA D 202 16.22 -2.91 53.10
CA ALA D 202 17.45 -3.68 52.97
C ALA D 202 17.56 -4.24 51.56
N LEU D 203 18.72 -4.06 50.94
CA LEU D 203 18.97 -4.56 49.59
C LEU D 203 20.43 -5.02 49.53
N HIS D 204 20.64 -6.32 49.38
CA HIS D 204 21.98 -6.92 49.25
C HIS D 204 22.89 -6.53 50.42
N GLY D 205 22.34 -6.59 51.63
CA GLY D 205 23.09 -6.28 52.84
C GLY D 205 23.17 -4.81 53.18
N GLN D 206 22.85 -3.91 52.26
CA GLN D 206 22.86 -2.48 52.53
C GLN D 206 21.49 -2.04 53.02
N GLU D 207 21.48 -1.16 54.01
CA GLU D 207 20.24 -0.62 54.55
C GLU D 207 20.21 0.89 54.32
N GLY D 208 19.03 1.42 54.00
CA GLY D 208 18.88 2.84 53.74
C GLY D 208 17.44 3.16 53.42
N TYR D 209 17.16 4.45 53.34
CA TYR D 209 15.81 4.92 53.06
C TYR D 209 15.50 4.83 51.57
N VAL D 210 14.24 4.53 51.28
CA VAL D 210 13.75 4.40 49.89
C VAL D 210 12.40 5.10 49.78
N PRO D 211 12.10 5.76 48.66
CA PRO D 211 10.81 6.47 48.53
C PRO D 211 9.66 5.49 48.30
N ARG D 212 8.56 5.72 49.03
CA ARG D 212 7.38 4.86 48.90
C ARG D 212 6.88 4.79 47.46
N ASN D 213 6.82 5.94 46.78
CA ASN D 213 6.21 6.03 45.46
C ASN D 213 7.04 5.39 44.34
N TYR D 214 8.20 4.83 44.66
CA TYR D 214 9.03 4.17 43.65
C TYR D 214 8.83 2.65 43.63
N PHE D 215 7.97 2.12 44.48
CA PHE D 215 7.79 0.68 44.60
C PHE D 215 6.34 0.28 44.37
N GLY D 216 6.19 -0.95 43.86
CA GLY D 216 4.91 -1.59 43.72
C GLY D 216 4.96 -2.90 44.48
N LEU D 217 3.78 -3.48 44.69
CA LEU D 217 3.72 -4.72 45.44
C LEU D 217 4.21 -5.90 44.61
N PHE D 218 4.20 -5.76 43.30
CA PHE D 218 4.70 -6.75 42.34
C PHE D 218 5.52 -6.02 41.28
N PRO D 219 6.35 -6.74 40.53
CA PRO D 219 7.18 -6.08 39.52
C PRO D 219 6.44 -5.83 38.22
N ARG D 220 7.02 -4.95 37.41
CA ARG D 220 6.47 -4.65 36.10
C ARG D 220 6.51 -5.89 35.20
N VAL D 221 5.83 -5.80 34.07
CA VAL D 221 5.85 -6.86 33.06
C VAL D 221 6.92 -6.50 32.04
N LYS D 222 8.02 -7.23 32.03
CA LYS D 222 9.10 -6.98 31.08
C LYS D 222 9.42 -8.25 30.30
#